data_7R9Y
#
_entry.id   7R9Y
#
_cell.length_a   59.100
_cell.length_b   134.410
_cell.length_c   145.300
_cell.angle_alpha   90.000
_cell.angle_beta   90.000
_cell.angle_gamma   90.000
#
_symmetry.space_group_name_H-M   'P 21 21 21'
#
loop_
_entity.id
_entity.type
_entity.pdbx_description
1 polymer 'Phosphatidylinositol 4,5-bisphosphate 3-kinase catalytic subunit alpha isoform'
2 non-polymer N-[2-(4-{4-[2-amino-4-(difluoromethyl)pyrimidin-5-yl]-6-(morpholin-4-yl)-1,3,5-triazin-2-yl}piperazin-1-yl)-2-oxoethyl]-N-methyl-1-(prop-2-enoyl)piperidine-4-carboxamide
#
_entity_poly.entity_id   1
_entity_poly.type   'polypeptide(L)'
_entity_poly.pdbx_seq_one_letter_code
;AGTMVGNREEKILNREIGFAIGMPVCEFDMVKDPEVQDFRRNILNVCKEAVDLRDLNSPHSRAMYVYPPNVESSPELPKH
IYNKLDKGQIIVVIWVIVSPNNDKQKYTLKINHDCVPEQVIAEAIRKKTRSMLLSSEQLKLCVLEYQGKYILKVCGCDEY
FLEKYPLSQYKYIRSCIMLGRMPNLMLMAKESLYSQLPMDCFTMPSYSRRISTATPYMNGETSTKSLWVINSALRIKILC
ATYVNVNIRDIDKIYVRTGIYHGGEPLCDNVNTQRVPCSNPRWNEWLNYDIYIPDLPRAARLCLSICSVKGRKGAKEEHC
PLAWGNINLFDYTDTLVSGKMALNLWPVPHGLEDLLNPIGVTGSNPNKETPCLELEFDWFSSVVKFPDMSVIEEHANWSV
SREAGFSYSHAGLSNRLARDNELRENDKEQLKAISTRDPLSEITEQEKDFLWSHRHYCVTIPEILPKLLLSVKWNSRDEV
AQMYCLVKDWPPIKPEQAMELLDCNYPDPMVRGFAVRCLEKYLTDDKLSQYLIQLVQVLKYEQYLDNLLVRFLLKKALTN
QRIGHFFFWHLKSEMHNKTVSQRFGLLLESYCRACGMYLKHLNRQVEAMEKLINLTDILKQEKKDETQKVQMKFLVEQMR
RPDFMDALQGFLSPLNPAHQLGNLRLEECRIMSSAKRPLWLNWENPDIMSELLFQNNEIIFKNGDDLRQDMLTLQIIRIM
ENIWQNQGLDLRMLPYGCLSIGDCVGLIEVVRNSHTIMQIQCKGGLKGALQFNSHTLHQWLKDKNKGEIYDAAIDLFTRS
CAGYCVATFILGIGDRHNSNIMVKDDGQLFHIDFGHFLDHKKKKFGYKRERVPFVLTQDFLIVISKGAQECTKTREFERF
QEMCYKAYLAIRQHANLFINLFSMMLGSGMPELQSFDDIAYIRKTLALDKTEQEALEYFMKQMNDAHH
;
_entity_poly.pdbx_strand_id   A
#
loop_
_chem_comp.id
_chem_comp.type
_chem_comp.name
_chem_comp.formula
2IX non-polymer N-[2-(4-{4-[2-amino-4-(difluoromethyl)pyrimidin-5-yl]-6-(morpholin-4-yl)-1,3,5-triazin-2-yl}piperazin-1-yl)-2-oxoethyl]-N-methyl-1-(prop-2-enoyl)piperidine-4-carboxamide 'C28 H37 F2 N11 O4'
#
# COMPACT_ATOMS: atom_id res chain seq x y z
N ASN A 7 10.28 -2.71 35.90
CA ASN A 7 10.48 -1.28 36.15
C ASN A 7 9.20 -0.50 35.85
N ARG A 8 9.29 0.82 35.97
CA ARG A 8 8.14 1.69 35.71
C ARG A 8 8.02 2.06 34.23
N GLU A 9 9.14 2.48 33.63
CA GLU A 9 9.14 2.78 32.20
C GLU A 9 8.60 1.60 31.40
N GLU A 10 9.01 0.38 31.76
CA GLU A 10 8.55 -0.80 31.04
C GLU A 10 7.04 -0.95 31.13
N LYS A 11 6.49 -0.78 32.34
CA LYS A 11 5.05 -0.98 32.51
C LYS A 11 4.24 0.09 31.78
N ILE A 12 4.67 1.35 31.87
CA ILE A 12 3.96 2.42 31.18
C ILE A 12 4.03 2.23 29.66
N LEU A 13 5.22 1.87 29.16
CA LEU A 13 5.36 1.60 27.73
C LEU A 13 4.47 0.44 27.31
N ASN A 14 4.35 -0.58 28.16
CA ASN A 14 3.48 -1.71 27.83
C ASN A 14 2.02 -1.28 27.75
N ARG A 15 1.57 -0.46 28.72
CA ARG A 15 0.19 0.03 28.67
C ARG A 15 -0.05 0.82 27.39
N GLU A 16 0.85 1.75 27.06
CA GLU A 16 0.65 2.57 25.87
C GLU A 16 0.67 1.72 24.60
N ILE A 17 1.59 0.75 24.52
CA ILE A 17 1.67 -0.11 23.34
C ILE A 17 0.40 -0.95 23.22
N GLY A 18 -0.13 -1.41 24.35
CA GLY A 18 -1.37 -2.17 24.31
C GLY A 18 -2.53 -1.32 23.81
N PHE A 19 -2.60 -0.07 24.25
CA PHE A 19 -3.65 0.82 23.75
C PHE A 19 -3.48 1.08 22.25
N ALA A 20 -2.23 1.24 21.80
CA ALA A 20 -2.00 1.57 20.39
C ALA A 20 -2.28 0.38 19.48
N ILE A 21 -1.87 -0.83 19.89
CA ILE A 21 -2.09 -2.01 19.06
C ILE A 21 -3.50 -2.54 19.17
N GLY A 22 -4.20 -2.24 20.28
CA GLY A 22 -5.53 -2.78 20.49
C GLY A 22 -5.53 -3.93 21.48
N MET A 23 -4.50 -4.77 21.41
CA MET A 23 -4.37 -5.91 22.31
C MET A 23 -3.23 -5.68 23.29
N PRO A 24 -3.34 -6.22 24.51
CA PRO A 24 -2.30 -5.99 25.51
C PRO A 24 -1.04 -6.77 25.19
N VAL A 25 0.10 -6.22 25.63
CA VAL A 25 1.38 -6.85 25.36
C VAL A 25 1.49 -8.19 26.08
N CYS A 26 0.79 -8.35 27.19
CA CYS A 26 0.91 -9.57 27.99
C CYS A 26 0.42 -10.80 27.24
N GLU A 27 -0.48 -10.62 26.27
CA GLU A 27 -0.97 -11.77 25.50
C GLU A 27 0.15 -12.39 24.67
N PHE A 28 1.08 -11.57 24.18
CA PHE A 28 2.20 -12.11 23.41
C PHE A 28 3.09 -12.99 24.28
N ASP A 29 3.28 -12.62 25.54
CA ASP A 29 4.12 -13.40 26.43
C ASP A 29 3.51 -14.78 26.69
N MET A 30 2.18 -14.84 26.86
CA MET A 30 1.51 -16.09 27.14
C MET A 30 1.45 -17.02 25.93
N VAL A 31 2.03 -16.63 24.80
CA VAL A 31 2.05 -17.46 23.60
C VAL A 31 3.26 -18.38 23.70
N LYS A 32 3.03 -19.63 24.08
CA LYS A 32 4.09 -20.62 24.23
C LYS A 32 4.48 -21.19 22.86
N ASP A 33 4.87 -20.29 21.96
CA ASP A 33 5.31 -20.65 20.62
C ASP A 33 6.77 -20.27 20.46
N PRO A 34 7.67 -21.22 20.21
CA PRO A 34 9.09 -20.85 20.05
C PRO A 34 9.31 -19.79 18.99
N GLU A 35 8.63 -19.89 17.85
CA GLU A 35 8.84 -18.90 16.79
C GLU A 35 8.39 -17.51 17.23
N VAL A 36 7.30 -17.43 18.00
CA VAL A 36 6.80 -16.13 18.44
C VAL A 36 7.80 -15.44 19.35
N GLN A 37 8.27 -16.13 20.39
CA GLN A 37 9.23 -15.53 21.31
C GLN A 37 10.55 -15.24 20.61
N ASP A 38 11.00 -16.16 19.75
CA ASP A 38 12.24 -15.92 19.01
C ASP A 38 12.11 -14.72 18.10
N PHE A 39 10.94 -14.50 17.49
CA PHE A 39 10.75 -13.30 16.70
C PHE A 39 10.77 -12.06 17.58
N ARG A 40 10.01 -12.08 18.68
CA ARG A 40 9.97 -10.93 19.58
C ARG A 40 11.37 -10.55 20.03
N ARG A 41 12.25 -11.53 20.24
CA ARG A 41 13.61 -11.24 20.68
C ARG A 41 14.49 -10.80 19.51
N ASN A 42 14.60 -11.62 18.47
CA ASN A 42 15.51 -11.36 17.37
C ASN A 42 15.15 -10.10 16.59
N ILE A 43 13.90 -9.63 16.68
CA ILE A 43 13.50 -8.42 15.96
C ILE A 43 14.07 -7.16 16.58
N LEU A 44 14.57 -7.23 17.82
CA LEU A 44 15.08 -6.05 18.50
C LEU A 44 16.41 -5.58 17.94
N ASN A 45 17.13 -6.42 17.19
CA ASN A 45 18.36 -5.95 16.54
C ASN A 45 18.05 -4.88 15.51
N VAL A 46 16.92 -5.00 14.81
CA VAL A 46 16.54 -3.97 13.85
C VAL A 46 16.18 -2.68 14.56
N CYS A 47 15.45 -2.78 15.68
CA CYS A 47 15.16 -1.60 16.48
C CYS A 47 16.44 -0.92 16.95
N LYS A 48 17.42 -1.73 17.37
CA LYS A 48 18.70 -1.18 17.82
C LYS A 48 19.41 -0.46 16.66
N GLU A 49 19.46 -1.09 15.50
CA GLU A 49 20.08 -0.45 14.33
C GLU A 49 19.42 0.89 14.04
N ALA A 50 18.08 0.91 14.02
CA ALA A 50 17.37 2.14 13.71
C ALA A 50 17.64 3.22 14.75
N VAL A 51 17.60 2.85 16.03
CA VAL A 51 17.85 3.83 17.09
C VAL A 51 19.25 4.39 16.98
N ASP A 52 20.24 3.51 16.75
CA ASP A 52 21.62 3.97 16.61
C ASP A 52 21.77 4.91 15.43
N LEU A 53 21.09 4.61 14.32
CA LEU A 53 21.09 5.53 13.18
C LEU A 53 20.44 6.85 13.55
N ARG A 54 19.46 6.84 14.46
CA ARG A 54 18.81 8.08 14.87
C ARG A 54 19.75 8.94 15.71
N ASP A 55 20.42 8.33 16.69
CA ASP A 55 21.39 9.04 17.52
C ASP A 55 22.78 9.08 16.90
N LEU A 56 22.89 8.77 15.61
CA LEU A 56 24.21 8.65 14.99
C LEU A 56 24.90 10.00 14.84
N ASN A 57 24.15 11.03 14.45
CA ASN A 57 24.72 12.34 14.16
C ASN A 57 23.99 13.42 14.96
N SER A 58 24.11 13.36 16.29
CA SER A 58 23.68 14.45 17.14
C SER A 58 22.20 14.75 16.91
N PRO A 59 21.72 15.98 17.12
CA PRO A 59 20.28 16.23 16.93
C PRO A 59 19.83 16.24 15.47
N HIS A 60 20.72 16.50 14.51
CA HIS A 60 20.30 16.57 13.12
C HIS A 60 19.74 15.24 12.63
N SER A 61 20.34 14.13 13.06
CA SER A 61 19.84 12.82 12.65
C SER A 61 18.42 12.60 13.14
N ARG A 62 18.16 12.93 14.41
CA ARG A 62 16.80 12.80 14.94
C ARG A 62 15.84 13.73 14.21
N ALA A 63 16.28 14.95 13.90
CA ALA A 63 15.42 15.90 13.21
C ALA A 63 15.05 15.39 11.82
N MET A 64 16.01 14.76 11.13
CA MET A 64 15.70 14.14 9.85
C MET A 64 14.79 12.94 10.02
N TYR A 65 14.93 12.20 11.13
CA TYR A 65 14.08 11.04 11.36
C TYR A 65 12.63 11.45 11.59
N VAL A 66 12.41 12.53 12.33
CA VAL A 66 11.06 12.99 12.60
C VAL A 66 10.48 13.85 11.48
N TYR A 67 11.32 14.64 10.81
CA TYR A 67 10.87 15.52 9.73
C TYR A 67 11.70 15.26 8.48
N PRO A 68 11.54 14.10 7.87
CA PRO A 68 12.33 13.78 6.66
C PRO A 68 11.89 14.64 5.49
N PRO A 69 12.75 14.81 4.48
CA PRO A 69 12.38 15.62 3.33
C PRO A 69 11.37 14.88 2.45
N ASN A 70 10.26 15.55 2.15
CA ASN A 70 9.26 15.03 1.21
C ASN A 70 9.68 15.47 -0.19
N VAL A 71 10.39 14.60 -0.90
CA VAL A 71 11.06 14.97 -2.14
C VAL A 71 10.77 13.94 -3.22
N GLU A 72 10.90 14.40 -4.47
CA GLU A 72 10.82 13.49 -5.61
C GLU A 72 12.11 12.67 -5.71
N SER A 73 12.00 11.50 -6.32
CA SER A 73 13.16 10.61 -6.41
C SER A 73 14.25 11.18 -7.31
N SER A 74 13.86 11.87 -8.38
CA SER A 74 14.81 12.42 -9.33
C SER A 74 14.80 13.94 -9.29
N PRO A 75 15.97 14.58 -9.16
CA PRO A 75 15.99 16.05 -9.17
C PRO A 75 15.71 16.66 -10.52
N GLU A 76 15.82 15.89 -11.61
CA GLU A 76 15.61 16.44 -12.95
C GLU A 76 14.14 16.78 -13.16
N LEU A 77 13.89 17.98 -13.70
CA LEU A 77 12.56 18.47 -14.01
C LEU A 77 12.17 18.12 -15.44
N PRO A 78 10.94 17.66 -15.66
CA PRO A 78 10.46 17.49 -17.03
C PRO A 78 10.53 18.80 -17.81
N LYS A 79 10.46 18.69 -19.13
CA LYS A 79 10.59 19.86 -19.98
C LYS A 79 9.52 20.90 -19.65
N HIS A 80 8.25 20.49 -19.65
CA HIS A 80 7.16 21.43 -19.40
C HIS A 80 7.22 22.00 -17.99
N ILE A 81 7.72 21.22 -17.03
CA ILE A 81 7.83 21.73 -15.66
C ILE A 81 8.91 22.79 -15.58
N TYR A 82 10.03 22.59 -16.26
CA TYR A 82 11.10 23.59 -16.28
C TYR A 82 10.68 24.83 -17.05
N ASN A 83 9.88 24.68 -18.10
CA ASN A 83 9.43 25.84 -18.87
C ASN A 83 8.56 26.76 -18.02
N LYS A 84 7.84 26.22 -17.05
CA LYS A 84 7.02 27.05 -16.17
C LYS A 84 7.86 27.94 -15.26
N LEU A 85 9.19 27.83 -15.31
CA LEU A 85 10.06 28.64 -14.48
C LEU A 85 10.49 29.90 -15.24
N ASP A 86 10.71 30.97 -14.48
CA ASP A 86 11.18 32.22 -15.05
C ASP A 86 12.66 32.12 -15.40
N LYS A 87 12.97 31.63 -16.60
CA LYS A 87 14.35 31.44 -17.05
C LYS A 87 15.10 30.48 -16.12
N GLY A 88 14.45 29.36 -15.80
CA GLY A 88 14.99 28.38 -14.89
C GLY A 88 15.04 28.80 -13.44
N GLN A 89 14.31 29.84 -13.06
CA GLN A 89 14.28 30.33 -11.68
C GLN A 89 12.85 30.27 -11.14
N ILE A 90 12.74 30.41 -9.82
CA ILE A 90 11.47 30.35 -9.13
C ILE A 90 11.39 31.50 -8.15
N ILE A 91 10.17 32.01 -7.96
CA ILE A 91 9.89 33.07 -6.99
C ILE A 91 9.33 32.41 -5.73
N VAL A 92 9.96 32.70 -4.59
CA VAL A 92 9.63 32.08 -3.32
C VAL A 92 9.54 33.16 -2.25
N VAL A 93 8.50 33.08 -1.42
CA VAL A 93 8.32 34.00 -0.30
C VAL A 93 8.80 33.31 0.96
N ILE A 94 9.74 33.94 1.66
CA ILE A 94 10.27 33.43 2.92
C ILE A 94 9.73 34.31 4.05
N TRP A 95 9.08 33.68 5.02
CA TRP A 95 8.45 34.38 6.12
C TRP A 95 9.30 34.33 7.38
N VAL A 96 9.21 35.37 8.19
CA VAL A 96 9.95 35.45 9.45
C VAL A 96 9.02 36.00 10.52
N ILE A 97 8.98 35.35 11.67
CA ILE A 97 8.28 35.85 12.85
C ILE A 97 9.30 36.55 13.73
N VAL A 98 8.99 37.79 14.12
CA VAL A 98 9.99 38.62 14.81
C VAL A 98 9.70 38.78 16.29
N SER A 99 8.73 39.61 16.64
CA SER A 99 8.56 40.10 18.00
C SER A 99 7.77 39.11 18.84
N PRO A 100 7.68 39.35 20.15
CA PRO A 100 6.75 38.54 20.97
C PRO A 100 5.33 38.52 20.43
N ASN A 101 4.87 39.63 19.84
CA ASN A 101 3.58 39.66 19.17
C ASN A 101 3.55 38.77 17.93
N ASN A 102 4.67 38.16 17.56
CA ASN A 102 4.75 37.25 16.44
C ASN A 102 4.41 37.96 15.12
N ASP A 103 4.89 39.18 14.97
CA ASP A 103 4.71 39.89 13.71
C ASP A 103 5.39 39.12 12.59
N LYS A 104 4.62 38.87 11.53
CA LYS A 104 5.07 38.09 10.38
C LYS A 104 5.51 39.06 9.29
N GLN A 105 6.75 38.90 8.82
CA GLN A 105 7.32 39.73 7.78
C GLN A 105 7.76 38.83 6.63
N LYS A 106 7.28 39.13 5.43
CA LYS A 106 7.60 38.35 4.25
C LYS A 106 8.75 38.99 3.50
N TYR A 107 9.54 38.15 2.84
CA TYR A 107 10.63 38.59 1.97
C TYR A 107 10.59 37.75 0.71
N THR A 108 10.34 38.39 -0.43
CA THR A 108 10.20 37.69 -1.68
C THR A 108 11.55 37.59 -2.38
N LEU A 109 11.83 36.42 -2.95
CA LEU A 109 13.10 36.15 -3.61
C LEU A 109 12.85 35.50 -4.95
N LYS A 110 13.76 35.72 -5.89
CA LYS A 110 13.76 35.04 -7.18
C LYS A 110 15.10 34.34 -7.31
N ILE A 111 15.10 33.01 -7.18
CA ILE A 111 16.35 32.26 -7.07
C ILE A 111 16.28 31.03 -7.97
N ASN A 112 17.46 30.47 -8.26
CA ASN A 112 17.55 29.27 -9.06
C ASN A 112 16.77 28.14 -8.41
N HIS A 113 16.00 27.41 -9.22
CA HIS A 113 15.19 26.32 -8.69
C HIS A 113 16.04 25.24 -8.04
N ASP A 114 17.29 25.09 -8.49
CA ASP A 114 18.18 24.04 -8.00
C ASP A 114 18.96 24.45 -6.75
N CYS A 115 18.56 25.53 -6.09
CA CYS A 115 19.29 26.00 -4.92
C CYS A 115 19.03 25.10 -3.72
N VAL A 116 20.00 25.04 -2.83
CA VAL A 116 19.90 24.27 -1.59
C VAL A 116 19.20 25.14 -0.53
N PRO A 117 18.47 24.54 0.41
CA PRO A 117 17.84 25.35 1.47
C PRO A 117 18.82 26.28 2.16
N GLU A 118 20.09 25.90 2.26
CA GLU A 118 21.08 26.77 2.87
C GLU A 118 21.26 28.05 2.04
N GLN A 119 21.36 27.89 0.71
CA GLN A 119 21.47 29.06 -0.15
C GLN A 119 20.20 29.90 -0.10
N VAL A 120 19.04 29.26 0.01
CA VAL A 120 17.79 29.99 0.16
C VAL A 120 17.83 30.86 1.41
N ILE A 121 18.25 30.26 2.54
CA ILE A 121 18.32 31.01 3.79
C ILE A 121 19.32 32.14 3.69
N ALA A 122 20.46 31.90 3.03
CA ALA A 122 21.47 32.95 2.87
C ALA A 122 20.92 34.12 2.08
N GLU A 123 20.31 33.85 0.93
CA GLU A 123 19.73 34.92 0.13
C GLU A 123 18.61 35.63 0.87
N ALA A 124 17.85 34.89 1.69
CA ALA A 124 16.78 35.52 2.46
C ALA A 124 17.35 36.47 3.50
N ILE A 125 18.41 36.06 4.21
CA ILE A 125 19.04 36.95 5.17
C ILE A 125 19.61 38.18 4.48
N ARG A 126 20.19 37.98 3.29
CA ARG A 126 20.70 39.11 2.51
C ARG A 126 19.57 40.09 2.19
N LYS A 127 18.48 39.59 1.64
CA LYS A 127 17.35 40.46 1.30
C LYS A 127 16.74 41.11 2.54
N LYS A 128 16.87 40.46 3.69
CA LYS A 128 16.28 40.99 4.92
C LYS A 128 17.12 42.10 5.53
N THR A 129 18.45 41.98 5.47
CA THR A 129 19.32 42.96 6.11
C THR A 129 19.43 44.26 5.32
N ARG A 130 19.06 44.26 4.04
CA ARG A 130 19.13 45.49 3.24
C ARG A 130 18.04 46.46 3.67
N SER A 131 18.08 46.88 4.93
CA SER A 131 17.09 47.80 5.47
C SER A 131 17.51 48.33 6.83
N GLN A 147 24.71 33.51 9.98
CA GLN A 147 25.34 32.21 9.79
C GLN A 147 24.29 31.14 9.50
N GLY A 148 24.74 29.90 9.36
CA GLY A 148 23.85 28.79 9.08
C GLY A 148 23.20 28.23 10.33
N LYS A 149 22.37 29.03 10.99
CA LYS A 149 21.69 28.63 12.22
C LYS A 149 20.17 28.59 12.06
N TYR A 150 19.69 28.47 10.82
CA TYR A 150 18.26 28.45 10.53
C TYR A 150 17.93 27.27 9.63
N ILE A 151 16.63 26.98 9.54
CA ILE A 151 16.09 25.98 8.64
C ILE A 151 14.78 26.51 8.06
N LEU A 152 14.31 25.85 7.01
CA LEU A 152 13.11 26.25 6.30
C LEU A 152 11.97 25.30 6.61
N LYS A 153 10.81 25.87 6.97
CA LYS A 153 9.61 25.10 7.24
C LYS A 153 8.54 25.52 6.24
N VAL A 154 7.61 24.61 5.95
CA VAL A 154 6.51 24.93 5.06
C VAL A 154 5.43 25.66 5.84
N CYS A 155 5.03 26.83 5.36
CA CYS A 155 4.02 27.64 6.03
C CYS A 155 2.68 26.91 5.98
N GLY A 156 2.18 26.53 7.15
CA GLY A 156 0.88 25.91 7.27
C GLY A 156 0.89 24.47 7.71
N CYS A 157 2.05 23.81 7.77
CA CYS A 157 2.13 22.43 8.21
C CYS A 157 3.52 22.16 8.75
N ASP A 158 3.70 20.97 9.30
CA ASP A 158 4.97 20.57 9.91
C ASP A 158 5.83 19.78 8.92
N GLU A 159 6.19 20.46 7.83
CA GLU A 159 7.17 19.95 6.87
C GLU A 159 8.41 20.84 6.90
N TYR A 160 9.58 20.21 6.84
CA TYR A 160 10.84 20.92 6.99
C TYR A 160 11.79 20.56 5.86
N PHE A 161 12.47 21.58 5.34
CA PHE A 161 13.49 21.41 4.30
C PHE A 161 14.86 21.28 4.97
N LEU A 162 15.05 20.13 5.62
CA LEU A 162 16.21 19.93 6.47
C LEU A 162 17.43 19.39 5.73
N GLU A 163 17.30 19.01 4.45
CA GLU A 163 18.39 18.41 3.71
C GLU A 163 18.85 19.33 2.59
N LYS A 164 20.09 19.09 2.12
CA LYS A 164 20.71 19.89 1.08
C LYS A 164 20.14 19.55 -0.30
N TYR A 165 18.88 19.16 -0.36
CA TYR A 165 18.22 18.91 -1.63
C TYR A 165 18.14 20.19 -2.45
N PRO A 166 18.07 20.07 -3.78
CA PRO A 166 17.65 21.22 -4.59
C PRO A 166 16.19 21.53 -4.31
N LEU A 167 15.90 22.81 -4.07
CA LEU A 167 14.57 23.20 -3.63
C LEU A 167 13.48 22.63 -4.53
N SER A 168 13.69 22.67 -5.85
CA SER A 168 12.68 22.18 -6.78
C SER A 168 12.38 20.70 -6.59
N GLN A 169 13.30 19.92 -6.04
CA GLN A 169 13.07 18.50 -5.88
C GLN A 169 12.13 18.19 -4.71
N TYR A 170 11.95 19.12 -3.78
CA TYR A 170 10.96 18.94 -2.73
C TYR A 170 9.57 18.89 -3.34
N LYS A 171 8.79 17.88 -2.94
CA LYS A 171 7.45 17.70 -3.51
C LYS A 171 6.63 18.98 -3.40
N TYR A 172 6.77 19.70 -2.29
CA TYR A 172 6.03 20.95 -2.12
C TYR A 172 6.42 21.97 -3.19
N ILE A 173 7.73 22.13 -3.42
CA ILE A 173 8.18 23.14 -4.37
C ILE A 173 7.79 22.76 -5.80
N ARG A 174 7.94 21.48 -6.16
CA ARG A 174 7.54 21.06 -7.49
C ARG A 174 6.04 21.19 -7.68
N SER A 175 5.26 20.93 -6.63
CA SER A 175 3.82 21.13 -6.70
C SER A 175 3.49 22.60 -6.90
N CYS A 176 4.17 23.49 -6.18
CA CYS A 176 3.94 24.92 -6.37
C CYS A 176 4.30 25.36 -7.78
N ILE A 177 5.37 24.79 -8.34
CA ILE A 177 5.76 25.14 -9.69
C ILE A 177 4.74 24.64 -10.70
N MET A 178 4.15 23.47 -10.44
CA MET A 178 3.18 22.90 -11.37
C MET A 178 1.83 23.60 -11.30
N LEU A 179 1.42 24.01 -10.10
CA LEU A 179 0.10 24.58 -9.88
C LEU A 179 0.06 26.09 -10.08
N GLY A 180 1.20 26.72 -10.37
CA GLY A 180 1.26 28.16 -10.44
C GLY A 180 1.21 28.88 -9.12
N ARG A 181 0.96 28.17 -8.02
CA ARG A 181 0.97 28.78 -6.70
C ARG A 181 2.38 29.18 -6.32
N MET A 182 2.49 30.11 -5.38
CA MET A 182 3.80 30.59 -4.98
C MET A 182 4.21 29.98 -3.65
N PRO A 183 5.39 29.37 -3.56
CA PRO A 183 5.79 28.72 -2.30
C PRO A 183 6.00 29.76 -1.20
N ASN A 184 5.44 29.46 -0.03
CA ASN A 184 5.58 30.31 1.16
C ASN A 184 6.27 29.49 2.24
N LEU A 185 7.51 29.84 2.53
CA LEU A 185 8.31 29.15 3.54
C LEU A 185 8.56 30.08 4.73
N MET A 186 8.75 29.48 5.90
CA MET A 186 9.02 30.21 7.12
C MET A 186 10.44 29.89 7.59
N LEU A 187 11.20 30.92 7.91
CA LEU A 187 12.54 30.75 8.47
C LEU A 187 12.43 30.48 9.96
N MET A 188 13.11 29.44 10.43
CA MET A 188 12.98 29.02 11.82
C MET A 188 14.35 28.66 12.38
N ALA A 189 14.71 29.25 13.52
CA ALA A 189 15.97 28.92 14.16
C ALA A 189 16.05 27.42 14.43
N LYS A 190 17.19 26.82 14.04
CA LYS A 190 17.33 25.38 14.21
C LYS A 190 17.19 24.97 15.67
N GLU A 191 17.71 25.78 16.58
CA GLU A 191 17.58 25.46 18.00
C GLU A 191 16.12 25.41 18.43
N SER A 192 15.27 26.28 17.84
CA SER A 192 13.86 26.25 18.18
C SER A 192 13.23 24.91 17.82
N LEU A 193 13.71 24.26 16.77
CA LEU A 193 13.17 22.96 16.39
C LEU A 193 13.80 21.84 17.20
N TYR A 194 15.11 21.92 17.44
CA TYR A 194 15.78 20.88 18.20
C TYR A 194 15.30 20.84 19.65
N SER A 195 14.92 21.99 20.21
CA SER A 195 14.36 22.01 21.55
C SER A 195 13.03 21.27 21.61
N GLN A 196 12.30 21.23 20.50
CA GLN A 196 11.05 20.49 20.43
C GLN A 196 11.26 18.99 20.21
N LEU A 197 12.50 18.55 20.05
CA LEU A 197 12.79 17.14 19.85
C LEU A 197 13.04 16.47 21.19
N PRO A 198 12.23 15.49 21.59
CA PRO A 198 12.45 14.82 22.87
C PRO A 198 13.71 13.97 22.85
N MET A 199 14.32 13.84 24.02
CA MET A 199 15.49 12.96 24.19
C MET A 199 14.98 11.53 24.31
N ASP A 200 14.75 10.90 23.15
CA ASP A 200 14.21 9.56 23.12
C ASP A 200 15.14 8.58 23.82
N CYS A 201 14.55 7.57 24.46
CA CYS A 201 15.31 6.53 25.17
C CYS A 201 14.60 5.20 24.94
N PHE A 202 14.99 4.49 23.89
CA PHE A 202 14.46 3.16 23.62
C PHE A 202 14.97 2.19 24.68
N THR A 203 14.07 1.68 25.51
CA THR A 203 14.42 0.74 26.55
C THR A 203 14.25 -0.69 26.05
N MET A 204 15.30 -1.49 26.18
CA MET A 204 15.21 -2.89 25.79
C MET A 204 14.17 -3.60 26.65
N PRO A 205 13.28 -4.39 26.06
CA PRO A 205 12.20 -5.00 26.83
C PRO A 205 12.72 -6.02 27.83
N SER A 206 11.82 -6.48 28.69
CA SER A 206 12.16 -7.43 29.74
C SER A 206 12.12 -8.88 29.29
N TYR A 207 11.58 -9.17 28.10
CA TYR A 207 11.51 -10.53 27.59
C TYR A 207 12.70 -10.89 26.71
N SER A 208 13.79 -10.12 26.79
CA SER A 208 15.02 -10.42 26.05
C SER A 208 16.08 -11.06 26.92
N ARG A 209 16.23 -10.61 28.17
CA ARG A 209 17.22 -11.18 29.08
C ARG A 209 16.53 -11.94 30.20
N LYS A 225 21.98 -34.46 13.91
CA LYS A 225 21.13 -33.65 13.04
C LYS A 225 21.45 -33.91 11.57
N SER A 226 20.69 -34.80 10.95
CA SER A 226 20.90 -35.16 9.56
C SER A 226 20.40 -34.04 8.65
N LEU A 227 20.65 -34.21 7.34
CA LEU A 227 20.32 -33.18 6.34
C LEU A 227 19.42 -33.84 5.32
N TRP A 228 19.74 -33.73 4.03
CA TRP A 228 18.96 -34.44 3.01
C TRP A 228 19.09 -35.94 3.18
N VAL A 229 20.29 -36.41 3.54
CA VAL A 229 20.64 -37.81 3.79
C VAL A 229 19.45 -38.75 3.60
N ILE A 230 18.42 -38.56 4.40
CA ILE A 230 17.22 -39.40 4.37
C ILE A 230 16.69 -39.52 2.95
N ASN A 231 16.72 -40.73 2.41
CA ASN A 231 16.18 -41.01 1.08
C ASN A 231 14.89 -41.80 1.24
N SER A 232 13.78 -41.21 0.81
CA SER A 232 12.47 -41.83 0.98
C SER A 232 11.38 -40.97 0.36
N ALA A 233 10.13 -41.41 0.47
CA ALA A 233 8.98 -40.65 0.02
C ALA A 233 8.24 -40.07 1.21
N LEU A 234 7.69 -38.88 1.03
CA LEU A 234 6.98 -38.19 2.10
C LEU A 234 5.61 -38.82 2.32
N ARG A 235 5.31 -39.15 3.58
CA ARG A 235 4.01 -39.70 3.95
C ARG A 235 3.59 -39.07 5.27
N ILE A 236 2.29 -38.80 5.38
CA ILE A 236 1.73 -38.14 6.56
C ILE A 236 0.50 -38.91 7.02
N LYS A 237 0.38 -39.08 8.33
CA LYS A 237 -0.76 -39.78 8.92
C LYS A 237 -1.77 -38.77 9.44
N ILE A 238 -2.97 -38.80 8.89
CA ILE A 238 -4.08 -38.01 9.42
C ILE A 238 -4.73 -38.84 10.52
N LEU A 239 -4.63 -38.36 11.76
CA LEU A 239 -5.04 -39.14 12.93
C LEU A 239 -6.54 -39.05 13.16
N CYS A 240 -7.04 -37.86 13.44
CA CYS A 240 -8.46 -37.65 13.71
C CYS A 240 -8.75 -36.16 13.66
N ALA A 241 -10.02 -35.82 13.89
CA ALA A 241 -10.45 -34.43 13.88
C ALA A 241 -11.47 -34.22 14.99
N THR A 242 -11.43 -33.02 15.57
CA THR A 242 -12.35 -32.64 16.64
C THR A 242 -13.04 -31.34 16.27
N TYR A 243 -14.14 -31.06 16.97
CA TYR A 243 -14.94 -29.87 16.72
C TYR A 243 -15.44 -29.83 15.28
N VAL A 244 -16.06 -30.93 14.86
CA VAL A 244 -16.59 -31.07 13.50
C VAL A 244 -18.10 -31.14 13.59
N ASN A 245 -18.78 -30.23 12.90
CA ASN A 245 -20.24 -30.19 12.92
C ASN A 245 -20.80 -29.72 11.57
N ILE A 254 -17.86 -37.62 5.07
CA ILE A 254 -16.90 -36.56 4.80
C ILE A 254 -15.49 -37.13 4.74
N TYR A 255 -14.58 -36.40 4.10
CA TYR A 255 -13.20 -36.84 3.93
C TYR A 255 -12.27 -35.64 4.12
N VAL A 256 -10.97 -35.91 4.06
CA VAL A 256 -9.94 -34.89 4.18
C VAL A 256 -9.12 -34.90 2.90
N ARG A 257 -9.05 -33.75 2.24
CA ARG A 257 -8.29 -33.59 1.00
C ARG A 257 -7.00 -32.83 1.31
N THR A 258 -5.87 -33.41 0.91
CA THR A 258 -4.56 -32.84 1.22
C THR A 258 -3.74 -32.70 -0.05
N GLY A 259 -2.68 -31.90 0.05
CA GLY A 259 -1.77 -31.71 -1.06
C GLY A 259 -0.48 -31.07 -0.60
N ILE A 260 0.56 -31.25 -1.40
CA ILE A 260 1.86 -30.64 -1.18
C ILE A 260 2.03 -29.54 -2.22
N TYR A 261 2.33 -28.32 -1.77
CA TYR A 261 2.40 -27.17 -2.65
C TYR A 261 3.70 -26.40 -2.42
N HIS A 262 4.08 -25.64 -3.44
CA HIS A 262 5.17 -24.66 -3.38
C HIS A 262 4.57 -23.34 -3.85
N GLY A 263 4.12 -22.52 -2.92
CA GLY A 263 3.40 -21.31 -3.26
C GLY A 263 1.99 -21.61 -3.74
N GLY A 264 1.77 -21.55 -5.04
CA GLY A 264 0.47 -21.84 -5.60
C GLY A 264 0.45 -23.08 -6.46
N GLU A 265 1.64 -23.60 -6.78
CA GLU A 265 1.77 -24.76 -7.65
C GLU A 265 1.91 -26.02 -6.81
N PRO A 266 1.17 -27.09 -7.13
CA PRO A 266 1.30 -28.34 -6.36
C PRO A 266 2.52 -29.13 -6.81
N LEU A 267 3.33 -29.55 -5.84
CA LEU A 267 4.52 -30.35 -6.14
C LEU A 267 4.17 -31.78 -6.52
N CYS A 268 2.91 -32.20 -6.34
CA CYS A 268 2.46 -33.53 -6.70
C CYS A 268 0.94 -33.53 -6.68
N ASP A 269 0.36 -34.64 -7.15
CA ASP A 269 -1.09 -34.76 -7.17
C ASP A 269 -1.67 -34.77 -5.76
N ASN A 270 -2.89 -34.27 -5.64
CA ASN A 270 -3.57 -34.24 -4.35
C ASN A 270 -3.99 -35.65 -3.94
N VAL A 271 -4.21 -35.83 -2.64
CA VAL A 271 -4.55 -37.12 -2.06
C VAL A 271 -5.80 -36.96 -1.22
N ASN A 272 -6.83 -37.75 -1.52
CA ASN A 272 -8.05 -37.81 -0.73
C ASN A 272 -7.98 -39.00 0.22
N THR A 273 -8.33 -38.77 1.48
CA THR A 273 -8.37 -39.84 2.45
C THR A 273 -9.68 -40.63 2.31
N GLN A 274 -9.82 -41.68 3.11
CA GLN A 274 -11.01 -42.52 3.04
C GLN A 274 -12.23 -41.75 3.51
N ARG A 275 -13.29 -41.77 2.72
CA ARG A 275 -14.54 -41.12 3.10
C ARG A 275 -15.09 -41.78 4.36
N VAL A 276 -15.19 -41.01 5.44
CA VAL A 276 -15.60 -41.52 6.73
C VAL A 276 -16.84 -40.77 7.22
N PRO A 277 -17.78 -41.44 7.88
CA PRO A 277 -18.94 -40.73 8.42
C PRO A 277 -18.53 -39.66 9.42
N CYS A 278 -19.18 -38.51 9.32
CA CYS A 278 -18.84 -37.38 10.19
C CYS A 278 -19.12 -37.67 11.67
N SER A 279 -19.90 -38.72 11.96
CA SER A 279 -20.16 -39.06 13.36
C SER A 279 -18.86 -39.45 14.07
N ASN A 280 -18.00 -40.21 13.39
CA ASN A 280 -16.72 -40.67 13.94
C ASN A 280 -15.61 -40.11 13.06
N PRO A 281 -15.21 -38.85 13.26
CA PRO A 281 -14.17 -38.26 12.41
C PRO A 281 -12.79 -38.82 12.73
N ARG A 282 -12.61 -40.12 12.50
CA ARG A 282 -11.35 -40.79 12.80
C ARG A 282 -10.88 -41.52 11.55
N TRP A 283 -9.80 -41.02 10.94
CA TRP A 283 -9.18 -41.67 9.79
C TRP A 283 -7.97 -42.51 10.17
N ASN A 284 -7.02 -41.94 10.91
CA ASN A 284 -5.77 -42.63 11.24
C ASN A 284 -5.10 -43.17 9.99
N GLU A 285 -5.32 -42.51 8.86
CA GLU A 285 -4.88 -43.02 7.58
C GLU A 285 -3.50 -42.46 7.23
N TRP A 286 -2.78 -43.20 6.38
CA TRP A 286 -1.46 -42.80 5.92
C TRP A 286 -1.54 -42.40 4.46
N LEU A 287 -1.08 -41.18 4.15
CA LEU A 287 -1.13 -40.62 2.81
C LEU A 287 0.30 -40.55 2.28
N ASN A 288 0.53 -41.16 1.12
CA ASN A 288 1.83 -41.16 0.46
C ASN A 288 1.78 -40.30 -0.78
N TYR A 289 2.86 -39.56 -1.03
CA TYR A 289 2.91 -38.62 -2.13
C TYR A 289 4.05 -38.95 -3.07
N ASP A 290 3.88 -38.58 -4.34
CA ASP A 290 4.90 -38.81 -5.36
C ASP A 290 6.00 -37.74 -5.27
N ILE A 291 6.63 -37.70 -4.10
CA ILE A 291 7.66 -36.70 -3.80
C ILE A 291 8.72 -37.36 -2.92
N TYR A 292 9.96 -37.37 -3.38
CA TYR A 292 11.07 -37.77 -2.54
C TYR A 292 11.32 -36.70 -1.49
N ILE A 293 11.62 -37.15 -0.26
CA ILE A 293 11.78 -36.20 0.84
C ILE A 293 12.84 -35.15 0.54
N PRO A 294 14.06 -35.49 0.13
CA PRO A 294 15.05 -34.45 -0.18
C PRO A 294 14.65 -33.57 -1.35
N ASP A 295 13.70 -33.99 -2.18
CA ASP A 295 13.26 -33.19 -3.30
C ASP A 295 12.34 -32.04 -2.89
N LEU A 296 11.94 -31.98 -1.63
CA LEU A 296 11.07 -30.91 -1.17
C LEU A 296 11.83 -29.58 -1.19
N PRO A 297 11.32 -28.55 -1.86
CA PRO A 297 11.95 -27.23 -1.77
C PRO A 297 11.86 -26.67 -0.36
N ARG A 298 12.62 -25.60 -0.13
CA ARG A 298 12.69 -25.02 1.21
C ARG A 298 11.31 -24.54 1.66
N ALA A 299 10.52 -23.99 0.74
CA ALA A 299 9.21 -23.41 1.07
C ALA A 299 8.05 -24.37 0.79
N ALA A 300 8.28 -25.66 0.93
CA ALA A 300 7.20 -26.63 0.71
C ALA A 300 6.19 -26.55 1.84
N ARG A 301 4.91 -26.65 1.48
CA ARG A 301 3.82 -26.51 2.44
C ARG A 301 2.80 -27.62 2.24
N LEU A 302 2.16 -28.01 3.34
CA LEU A 302 1.07 -28.98 3.33
C LEU A 302 -0.24 -28.22 3.44
N CYS A 303 -1.10 -28.40 2.44
CA CYS A 303 -2.40 -27.73 2.41
C CYS A 303 -3.49 -28.79 2.52
N LEU A 304 -4.32 -28.68 3.56
CA LEU A 304 -5.35 -29.67 3.82
C LEU A 304 -6.69 -28.97 4.02
N SER A 305 -7.76 -29.73 3.85
CA SER A 305 -9.11 -29.24 4.08
C SER A 305 -10.02 -30.43 4.33
N ILE A 306 -11.19 -30.14 4.89
CA ILE A 306 -12.21 -31.15 5.18
C ILE A 306 -13.38 -30.92 4.24
N CYS A 307 -13.68 -31.92 3.42
CA CYS A 307 -14.74 -31.83 2.43
C CYS A 307 -15.88 -32.80 2.78
N SER A 308 -17.06 -32.49 2.26
CA SER A 308 -18.24 -33.32 2.45
C SER A 308 -18.77 -33.77 1.10
N VAL A 309 -19.75 -34.68 1.14
CA VAL A 309 -20.36 -35.22 -0.07
C VAL A 309 -21.86 -35.35 0.16
N LYS A 310 -22.64 -35.12 -0.90
CA LYS A 310 -24.09 -35.23 -0.83
C LYS A 310 -24.54 -36.67 -1.05
N GLU A 317 -20.52 -36.79 -5.30
CA GLU A 317 -21.53 -36.06 -6.03
C GLU A 317 -21.31 -34.55 -5.92
N GLU A 318 -21.64 -34.00 -4.75
CA GLU A 318 -21.49 -32.57 -4.47
C GLU A 318 -20.45 -32.40 -3.37
N HIS A 319 -19.21 -32.13 -3.78
CA HIS A 319 -18.12 -31.91 -2.83
C HIS A 319 -18.07 -30.45 -2.42
N CYS A 320 -17.96 -30.19 -1.12
CA CYS A 320 -17.93 -28.84 -0.60
C CYS A 320 -16.93 -28.74 0.55
N PRO A 321 -16.01 -27.79 0.50
CA PRO A 321 -15.07 -27.62 1.62
C PRO A 321 -15.78 -27.13 2.86
N LEU A 322 -15.21 -27.49 4.02
CA LEU A 322 -15.75 -27.08 5.31
C LEU A 322 -14.76 -26.26 6.13
N ALA A 323 -13.53 -26.75 6.28
CA ALA A 323 -12.51 -26.03 7.02
C ALA A 323 -11.15 -26.37 6.44
N TRP A 324 -10.31 -25.36 6.25
CA TRP A 324 -9.03 -25.50 5.58
C TRP A 324 -7.89 -25.19 6.55
N GLY A 325 -6.67 -25.53 6.12
CA GLY A 325 -5.48 -25.28 6.91
C GLY A 325 -4.20 -25.49 6.13
N ASN A 326 -3.12 -24.82 6.54
CA ASN A 326 -1.84 -24.92 5.87
C ASN A 326 -0.72 -24.96 6.89
N ILE A 327 0.27 -25.81 6.63
CA ILE A 327 1.37 -26.06 7.56
C ILE A 327 2.69 -25.95 6.81
N ASN A 328 3.70 -25.37 7.47
CA ASN A 328 5.04 -25.32 6.91
C ASN A 328 5.74 -26.64 7.18
N LEU A 329 6.13 -27.35 6.10
CA LEU A 329 6.87 -28.60 6.29
C LEU A 329 8.16 -28.37 7.05
N PHE A 330 8.76 -27.19 6.91
CA PHE A 330 9.96 -26.81 7.63
C PHE A 330 9.65 -25.62 8.53
N ASP A 331 10.08 -25.70 9.80
CA ASP A 331 9.84 -24.62 10.75
C ASP A 331 10.82 -23.47 10.48
N TYR A 332 10.79 -22.44 11.33
CA TYR A 332 11.64 -21.28 11.12
C TYR A 332 13.11 -21.59 11.38
N THR A 333 13.42 -22.67 12.08
CA THR A 333 14.79 -23.08 12.34
C THR A 333 15.32 -24.05 11.29
N ASP A 334 14.65 -24.14 10.14
CA ASP A 334 14.99 -25.04 9.04
C ASP A 334 14.78 -26.50 9.39
N THR A 335 14.25 -26.82 10.56
CA THR A 335 14.00 -28.20 10.94
C THR A 335 12.79 -28.76 10.19
N LEU A 336 12.87 -30.03 9.81
CA LEU A 336 11.76 -30.72 9.17
C LEU A 336 10.83 -31.25 10.25
N VAL A 337 9.57 -30.82 10.23
CA VAL A 337 8.64 -31.19 11.28
C VAL A 337 8.45 -32.71 11.32
N SER A 338 8.26 -33.23 12.52
CA SER A 338 8.02 -34.65 12.71
C SER A 338 7.17 -34.84 13.96
N GLY A 339 6.54 -36.02 14.05
CA GLY A 339 5.74 -36.34 15.21
C GLY A 339 4.31 -35.83 15.08
N LYS A 340 3.63 -35.79 16.22
CA LYS A 340 2.24 -35.37 16.26
C LYS A 340 2.13 -33.85 16.22
N MET A 341 1.02 -33.38 15.67
CA MET A 341 0.78 -31.94 15.54
C MET A 341 -0.71 -31.67 15.47
N ALA A 342 -1.20 -30.73 16.27
CA ALA A 342 -2.60 -30.34 16.27
C ALA A 342 -2.74 -29.02 15.53
N LEU A 343 -3.61 -28.98 14.51
CA LEU A 343 -3.83 -27.79 13.69
C LEU A 343 -5.30 -27.44 13.72
N ASN A 344 -5.62 -26.25 14.23
CA ASN A 344 -6.99 -25.75 14.21
C ASN A 344 -7.25 -25.07 12.87
N LEU A 345 -8.33 -25.45 12.21
CA LEU A 345 -8.61 -25.01 10.85
C LEU A 345 -9.35 -23.68 10.86
N TRP A 346 -9.42 -23.07 9.66
CA TRP A 346 -10.05 -21.78 9.41
C TRP A 346 -11.35 -21.96 8.63
N PRO A 347 -12.32 -21.07 8.83
CA PRO A 347 -13.51 -21.08 7.96
C PRO A 347 -13.12 -20.73 6.53
N VAL A 348 -13.94 -21.18 5.59
CA VAL A 348 -13.66 -21.03 4.17
C VAL A 348 -13.97 -19.60 3.73
N PRO A 349 -13.15 -19.00 2.87
CA PRO A 349 -13.48 -17.70 2.29
C PRO A 349 -14.53 -17.83 1.20
N HIS A 350 -15.18 -16.71 0.90
CA HIS A 350 -16.24 -16.70 -0.09
C HIS A 350 -15.66 -16.93 -1.49
N GLY A 351 -16.38 -17.72 -2.29
CA GLY A 351 -16.01 -17.96 -3.66
C GLY A 351 -14.71 -18.72 -3.84
N LEU A 352 -14.55 -19.83 -3.14
CA LEU A 352 -13.38 -20.69 -3.29
C LEU A 352 -13.64 -21.68 -4.42
N GLU A 353 -12.79 -21.64 -5.44
CA GLU A 353 -13.02 -22.50 -6.61
C GLU A 353 -12.76 -23.96 -6.28
N ASP A 354 -11.59 -24.27 -5.74
CA ASP A 354 -11.20 -25.65 -5.47
C ASP A 354 -11.55 -26.01 -4.01
N LEU A 355 -11.29 -27.27 -3.66
CA LEU A 355 -11.48 -27.76 -2.30
C LEU A 355 -10.29 -27.49 -1.40
N LEU A 356 -9.36 -26.63 -1.83
CA LEU A 356 -8.17 -26.31 -1.06
C LEU A 356 -7.88 -24.82 -1.18
N ASN A 357 -7.31 -24.25 -0.11
CA ASN A 357 -6.94 -22.84 -0.05
C ASN A 357 -5.44 -22.75 0.20
N PRO A 358 -4.61 -22.99 -0.82
CA PRO A 358 -3.16 -22.95 -0.59
C PRO A 358 -2.61 -21.55 -0.39
N ILE A 359 -3.25 -20.53 -0.98
CA ILE A 359 -2.75 -19.17 -0.90
C ILE A 359 -3.10 -18.57 0.45
N GLY A 360 -3.85 -19.32 1.26
CA GLY A 360 -4.22 -18.87 2.57
C GLY A 360 -3.04 -18.83 3.53
N VAL A 361 -3.21 -18.06 4.61
CA VAL A 361 -2.14 -17.92 5.58
C VAL A 361 -1.82 -19.27 6.22
N THR A 362 -0.63 -19.35 6.81
CA THR A 362 -0.17 -20.55 7.47
C THR A 362 -0.16 -20.36 8.99
N GLY A 363 -0.50 -21.43 9.70
CA GLY A 363 -0.52 -21.41 11.14
C GLY A 363 -1.85 -21.83 11.71
N SER A 364 -1.84 -22.30 12.96
CA SER A 364 -3.07 -22.76 13.60
C SER A 364 -3.97 -21.57 13.94
N ASN A 365 -5.27 -21.79 13.83
CA ASN A 365 -6.23 -20.73 14.13
C ASN A 365 -6.10 -20.30 15.58
N PRO A 366 -5.99 -19.00 15.86
CA PRO A 366 -5.95 -18.56 17.27
C PRO A 366 -7.14 -19.05 18.08
N ASN A 367 -8.32 -19.09 17.47
CA ASN A 367 -9.52 -19.58 18.14
C ASN A 367 -9.47 -21.10 18.14
N LYS A 368 -8.96 -21.66 19.25
CA LYS A 368 -8.82 -23.11 19.36
C LYS A 368 -10.15 -23.83 19.38
N GLU A 369 -11.27 -23.12 19.58
CA GLU A 369 -12.59 -23.74 19.58
C GLU A 369 -13.11 -23.87 18.16
N THR A 370 -12.29 -24.46 17.29
CA THR A 370 -12.59 -24.65 15.88
C THR A 370 -12.17 -26.06 15.50
N PRO A 371 -12.50 -26.50 14.28
CA PRO A 371 -12.08 -27.83 13.84
C PRO A 371 -10.59 -28.05 14.02
N CYS A 372 -10.23 -29.10 14.77
CA CYS A 372 -8.84 -29.39 15.09
C CYS A 372 -8.46 -30.74 14.49
N LEU A 373 -7.51 -30.72 13.57
CA LEU A 373 -7.03 -31.93 12.90
C LEU A 373 -5.71 -32.36 13.52
N GLU A 374 -5.60 -33.64 13.84
CA GLU A 374 -4.39 -34.22 14.40
C GLU A 374 -3.61 -34.94 13.31
N LEU A 375 -2.32 -34.63 13.21
CA LEU A 375 -1.46 -35.16 12.15
C LEU A 375 -0.21 -35.78 12.76
N GLU A 376 0.44 -36.62 11.96
CA GLU A 376 1.68 -37.28 12.36
C GLU A 376 2.64 -37.28 11.18
N PHE A 377 3.84 -36.77 11.42
CA PHE A 377 4.91 -36.75 10.44
C PHE A 377 5.97 -37.78 10.79
N ASP A 378 6.57 -38.38 9.76
CA ASP A 378 7.62 -39.37 9.97
C ASP A 378 8.74 -38.80 10.81
N TRP A 379 9.27 -39.62 11.72
CA TRP A 379 10.44 -39.26 12.51
C TRP A 379 11.54 -40.28 12.22
N PHE A 380 12.70 -39.78 11.81
CA PHE A 380 13.80 -40.61 11.35
C PHE A 380 14.90 -40.68 12.42
N SER A 381 16.13 -40.95 11.98
CA SER A 381 17.23 -41.15 12.91
C SER A 381 17.34 -39.99 13.91
N SER A 382 17.60 -38.80 13.40
CA SER A 382 17.77 -37.62 14.24
C SER A 382 16.85 -36.52 13.72
N VAL A 383 17.09 -35.28 14.17
CA VAL A 383 16.31 -34.14 13.72
C VAL A 383 16.79 -33.73 12.33
N VAL A 384 15.84 -33.62 11.40
CA VAL A 384 16.16 -33.32 10.01
C VAL A 384 16.14 -31.81 9.81
N LYS A 385 17.18 -31.28 9.16
CA LYS A 385 17.29 -29.87 8.84
C LYS A 385 17.45 -29.70 7.33
N PHE A 386 17.10 -28.51 6.85
CA PHE A 386 17.34 -28.23 5.44
C PHE A 386 18.82 -27.91 5.22
N PRO A 387 19.42 -28.42 4.14
CA PRO A 387 20.88 -28.31 3.99
C PRO A 387 21.33 -26.86 3.94
N ASP A 388 22.61 -26.67 4.28
CA ASP A 388 23.22 -25.35 4.23
C ASP A 388 23.55 -24.97 2.79
N MET A 389 23.70 -23.66 2.56
CA MET A 389 23.99 -23.18 1.22
C MET A 389 25.28 -23.79 0.66
N SER A 390 26.20 -24.19 1.54
CA SER A 390 27.44 -24.80 1.08
C SER A 390 27.17 -26.17 0.46
N VAL A 391 26.38 -27.00 1.15
CA VAL A 391 25.99 -28.30 0.58
C VAL A 391 25.19 -28.09 -0.69
N ILE A 392 24.38 -27.02 -0.75
CA ILE A 392 23.61 -26.73 -1.95
C ILE A 392 24.54 -26.43 -3.11
N GLU A 393 25.56 -25.59 -2.89
CA GLU A 393 26.50 -25.28 -3.94
C GLU A 393 27.28 -26.51 -4.37
N GLU A 394 27.65 -27.37 -3.41
CA GLU A 394 28.39 -28.58 -3.75
C GLU A 394 27.54 -29.49 -4.63
N HIS A 395 26.28 -29.72 -4.25
CA HIS A 395 25.40 -30.57 -5.03
C HIS A 395 25.05 -29.94 -6.38
N ALA A 396 25.08 -28.61 -6.46
CA ALA A 396 24.83 -27.94 -7.74
C ALA A 396 26.00 -28.12 -8.69
N ASN A 397 27.22 -27.93 -8.18
CA ASN A 397 28.40 -28.17 -9.00
C ASN A 397 28.48 -29.64 -9.42
N TRP A 398 28.10 -30.55 -8.53
CA TRP A 398 28.07 -31.97 -8.88
C TRP A 398 27.04 -32.23 -9.97
N SER A 399 25.82 -31.73 -9.78
CA SER A 399 24.75 -31.92 -10.75
C SER A 399 25.04 -31.17 -12.04
N LEU A 423 21.78 -21.94 -28.38
CA LEU A 423 22.62 -20.75 -28.30
C LEU A 423 22.76 -20.09 -29.67
N ARG A 424 21.66 -19.55 -30.18
CA ARG A 424 21.64 -18.89 -31.48
C ARG A 424 21.07 -17.48 -31.32
N GLU A 425 21.41 -16.61 -32.29
CA GLU A 425 20.93 -15.23 -32.24
C GLU A 425 19.41 -15.18 -32.25
N ASN A 426 18.78 -15.99 -33.11
CA ASN A 426 17.32 -16.04 -33.12
C ASN A 426 16.77 -16.48 -31.77
N ASP A 427 17.40 -17.48 -31.15
CA ASP A 427 16.94 -17.94 -29.85
C ASP A 427 17.18 -16.90 -28.76
N LYS A 428 18.27 -16.14 -28.85
CA LYS A 428 18.51 -15.08 -27.88
C LYS A 428 17.46 -13.98 -28.00
N GLU A 429 17.16 -13.56 -29.23
CA GLU A 429 16.10 -12.57 -29.42
C GLU A 429 14.74 -13.13 -28.99
N GLN A 430 14.54 -14.44 -29.13
CA GLN A 430 13.33 -15.08 -28.63
C GLN A 430 13.25 -14.96 -27.12
N LEU A 431 14.36 -15.23 -26.42
CA LEU A 431 14.40 -15.05 -24.97
C LEU A 431 14.08 -13.61 -24.60
N LYS A 432 14.63 -12.65 -25.35
CA LYS A 432 14.34 -11.25 -25.08
C LYS A 432 12.86 -10.95 -25.23
N ALA A 433 12.26 -11.40 -26.33
CA ALA A 433 10.83 -11.19 -26.54
C ALA A 433 10.01 -11.84 -25.45
N ILE A 434 10.45 -13.01 -24.96
CA ILE A 434 9.78 -13.66 -23.84
C ILE A 434 9.82 -12.76 -22.61
N SER A 435 11.01 -12.25 -22.28
CA SER A 435 11.15 -11.36 -21.14
C SER A 435 10.28 -10.12 -21.30
N THR A 436 10.03 -9.69 -22.54
CA THR A 436 9.22 -8.49 -22.76
C THR A 436 7.77 -8.68 -22.34
N ARG A 437 7.27 -9.91 -22.37
CA ARG A 437 5.86 -10.15 -22.12
C ARG A 437 5.48 -9.73 -20.70
N ASP A 438 4.18 -9.65 -20.46
CA ASP A 438 3.65 -9.24 -19.17
C ASP A 438 3.56 -10.42 -18.20
N PRO A 439 3.42 -10.15 -16.91
CA PRO A 439 3.42 -11.25 -15.93
C PRO A 439 2.29 -12.25 -16.14
N LEU A 440 1.05 -11.77 -16.28
CA LEU A 440 -0.08 -12.69 -16.39
C LEU A 440 -0.05 -13.50 -17.67
N SER A 441 0.74 -13.10 -18.66
CA SER A 441 0.85 -13.89 -19.88
C SER A 441 1.43 -15.25 -19.56
N GLU A 442 0.71 -16.31 -19.95
CA GLU A 442 1.12 -17.66 -19.62
C GLU A 442 2.32 -18.08 -20.43
N ILE A 443 3.12 -18.98 -19.86
CA ILE A 443 4.31 -19.52 -20.50
C ILE A 443 4.09 -21.00 -20.73
N THR A 444 4.36 -21.46 -21.95
CA THR A 444 4.09 -22.85 -22.31
C THR A 444 5.20 -23.76 -21.81
N GLU A 445 4.88 -25.05 -21.70
CA GLU A 445 5.86 -26.04 -21.27
C GLU A 445 7.09 -26.03 -22.17
N GLN A 446 6.87 -25.94 -23.48
CA GLN A 446 7.98 -25.79 -24.41
C GLN A 446 8.81 -24.56 -24.05
N GLU A 447 8.15 -23.43 -23.80
CA GLU A 447 8.86 -22.22 -23.39
C GLU A 447 9.55 -22.39 -22.05
N LYS A 448 8.95 -23.14 -21.13
CA LYS A 448 9.60 -23.38 -19.83
C LYS A 448 10.90 -24.14 -20.00
N ASP A 449 10.84 -25.28 -20.69
CA ASP A 449 12.06 -26.06 -20.91
C ASP A 449 13.06 -25.28 -21.76
N PHE A 450 12.58 -24.38 -22.62
CA PHE A 450 13.48 -23.56 -23.43
C PHE A 450 14.22 -22.55 -22.56
N LEU A 451 13.49 -21.88 -21.67
CA LEU A 451 14.14 -20.96 -20.73
C LEU A 451 15.11 -21.70 -19.82
N TRP A 452 14.76 -22.93 -19.41
CA TRP A 452 15.61 -23.67 -18.50
C TRP A 452 16.89 -24.15 -19.18
N SER A 453 16.77 -24.64 -20.42
CA SER A 453 17.97 -25.04 -21.16
C SER A 453 18.92 -23.88 -21.41
N HIS A 454 18.40 -22.65 -21.40
CA HIS A 454 19.21 -21.44 -21.58
C HIS A 454 19.22 -20.62 -20.30
N ARG A 455 19.32 -21.28 -19.14
CA ARG A 455 19.25 -20.58 -17.87
C ARG A 455 20.48 -19.72 -17.61
N HIS A 456 21.62 -20.05 -18.22
CA HIS A 456 22.83 -19.26 -17.98
C HIS A 456 22.87 -18.01 -18.84
N TYR A 457 22.35 -18.06 -20.07
CA TYR A 457 22.32 -16.87 -20.90
C TYR A 457 21.30 -15.86 -20.39
N CYS A 458 20.28 -16.33 -19.66
CA CYS A 458 19.25 -15.43 -19.14
C CYS A 458 19.79 -14.47 -18.09
N VAL A 459 21.02 -14.67 -17.60
CA VAL A 459 21.61 -13.73 -16.66
C VAL A 459 21.96 -12.42 -17.34
N THR A 460 22.12 -12.42 -18.67
CA THR A 460 22.42 -11.19 -19.39
C THR A 460 21.20 -10.30 -19.53
N ILE A 461 20.00 -10.89 -19.53
CA ILE A 461 18.75 -10.12 -19.55
C ILE A 461 18.05 -10.35 -18.22
N PRO A 462 18.40 -9.59 -17.18
CA PRO A 462 17.94 -9.95 -15.82
C PRO A 462 16.43 -9.91 -15.66
N GLU A 463 15.72 -8.99 -16.32
CA GLU A 463 14.30 -8.84 -16.05
C GLU A 463 13.49 -10.07 -16.42
N ILE A 464 14.08 -11.06 -17.08
CA ILE A 464 13.39 -12.32 -17.33
C ILE A 464 13.40 -13.25 -16.13
N LEU A 465 14.02 -12.84 -15.03
CA LEU A 465 14.14 -13.71 -13.87
C LEU A 465 12.79 -14.24 -13.37
N PRO A 466 11.71 -13.45 -13.34
CA PRO A 466 10.42 -14.02 -12.89
C PRO A 466 9.98 -15.20 -13.73
N LYS A 467 10.02 -15.06 -15.05
CA LYS A 467 9.61 -16.15 -15.92
C LYS A 467 10.56 -17.35 -15.80
N LEU A 468 11.86 -17.09 -15.69
CA LEU A 468 12.82 -18.17 -15.48
C LEU A 468 12.47 -18.95 -14.22
N LEU A 469 12.25 -18.25 -13.10
CA LEU A 469 11.83 -18.91 -11.87
C LEU A 469 10.55 -19.71 -12.10
N LEU A 470 9.58 -19.14 -12.81
CA LEU A 470 8.36 -19.87 -13.12
C LEU A 470 8.62 -21.13 -13.93
N SER A 471 9.72 -21.18 -14.67
CA SER A 471 10.04 -22.32 -15.51
C SER A 471 10.80 -23.42 -14.77
N VAL A 472 10.94 -23.30 -13.45
CA VAL A 472 11.73 -24.24 -12.66
C VAL A 472 10.83 -25.37 -12.16
N LYS A 473 11.37 -26.59 -12.13
CA LYS A 473 10.67 -27.75 -11.57
C LYS A 473 11.04 -27.82 -10.10
N TRP A 474 10.26 -27.12 -9.27
CA TRP A 474 10.55 -27.00 -7.85
C TRP A 474 10.40 -28.31 -7.08
N ASN A 475 10.18 -29.44 -7.75
CA ASN A 475 10.14 -30.74 -7.10
C ASN A 475 11.43 -31.53 -7.31
N SER A 476 12.50 -30.86 -7.74
CA SER A 476 13.80 -31.49 -7.98
C SER A 476 14.87 -30.69 -7.27
N ARG A 477 15.54 -31.33 -6.30
CA ARG A 477 16.56 -30.62 -5.52
C ARG A 477 17.71 -30.13 -6.40
N ASP A 478 18.01 -30.85 -7.48
CA ASP A 478 19.10 -30.44 -8.35
C ASP A 478 18.83 -29.09 -9.00
N GLU A 479 17.65 -28.96 -9.63
CA GLU A 479 17.31 -27.69 -10.27
C GLU A 479 17.16 -26.57 -9.25
N VAL A 480 16.62 -26.88 -8.07
CA VAL A 480 16.48 -25.87 -7.03
C VAL A 480 17.85 -25.36 -6.60
N ALA A 481 18.82 -26.28 -6.44
CA ALA A 481 20.15 -25.86 -6.03
C ALA A 481 20.85 -25.06 -7.12
N GLN A 482 20.68 -25.47 -8.38
CA GLN A 482 21.29 -24.72 -9.47
C GLN A 482 20.68 -23.33 -9.60
N MET A 483 19.37 -23.21 -9.38
CA MET A 483 18.74 -21.90 -9.38
C MET A 483 19.20 -21.07 -8.18
N TYR A 484 19.41 -21.71 -7.03
CA TYR A 484 20.01 -21.02 -5.90
C TYR A 484 21.36 -20.43 -6.28
N CYS A 485 22.19 -21.22 -6.95
CA CYS A 485 23.49 -20.71 -7.40
C CYS A 485 23.32 -19.54 -8.36
N LEU A 486 22.41 -19.66 -9.32
CA LEU A 486 22.16 -18.56 -10.26
C LEU A 486 21.70 -17.30 -9.54
N VAL A 487 20.96 -17.46 -8.44
CA VAL A 487 20.43 -16.31 -7.73
C VAL A 487 21.51 -15.67 -6.86
N LYS A 488 22.38 -16.48 -6.26
CA LYS A 488 23.42 -15.95 -5.39
C LYS A 488 24.30 -14.93 -6.10
N ASP A 489 24.34 -14.95 -7.43
CA ASP A 489 25.13 -14.01 -8.20
C ASP A 489 24.30 -13.33 -9.28
N TRP A 490 22.97 -13.36 -9.16
CA TRP A 490 22.12 -12.75 -10.17
C TRP A 490 22.20 -11.23 -10.08
N PRO A 491 22.25 -10.54 -11.22
CA PRO A 491 22.38 -9.08 -11.18
C PRO A 491 21.13 -8.44 -10.60
N PRO A 492 21.26 -7.27 -9.99
CA PRO A 492 20.08 -6.59 -9.44
C PRO A 492 19.23 -5.99 -10.56
N ILE A 493 17.93 -5.89 -10.27
CA ILE A 493 16.96 -5.35 -11.22
C ILE A 493 16.20 -4.22 -10.55
N LYS A 494 15.45 -3.48 -11.36
CA LYS A 494 14.73 -2.31 -10.86
C LYS A 494 13.74 -2.73 -9.77
N PRO A 495 13.38 -1.82 -8.87
CA PRO A 495 12.41 -2.18 -7.82
C PRO A 495 11.05 -2.56 -8.36
N GLU A 496 10.55 -1.82 -9.35
CA GLU A 496 9.26 -2.17 -9.94
C GLU A 496 9.25 -3.64 -10.40
N GLN A 497 10.38 -4.11 -10.92
CA GLN A 497 10.45 -5.50 -11.34
C GLN A 497 10.78 -6.44 -10.18
N ALA A 498 11.44 -5.92 -9.15
CA ALA A 498 11.79 -6.75 -8.00
C ALA A 498 10.56 -7.10 -7.17
N MET A 499 9.57 -6.20 -7.13
CA MET A 499 8.35 -6.49 -6.37
C MET A 499 7.60 -7.68 -6.93
N GLU A 500 7.65 -7.90 -8.25
CA GLU A 500 6.98 -9.05 -8.84
C GLU A 500 7.43 -10.35 -8.21
N LEU A 501 8.70 -10.43 -7.80
CA LEU A 501 9.25 -11.62 -7.19
C LEU A 501 8.87 -11.76 -5.72
N LEU A 502 7.90 -10.98 -5.24
CA LEU A 502 7.47 -11.06 -3.85
C LEU A 502 6.01 -11.46 -3.68
N ASP A 503 5.25 -11.57 -4.75
CA ASP A 503 3.84 -11.96 -4.65
C ASP A 503 3.77 -13.44 -4.26
N CYS A 504 2.55 -13.99 -4.27
CA CYS A 504 2.32 -15.38 -3.88
C CYS A 504 2.99 -16.38 -4.81
N ASN A 505 3.44 -15.95 -5.99
CA ASN A 505 4.00 -16.89 -6.96
C ASN A 505 5.40 -17.35 -6.56
N TYR A 506 6.12 -16.54 -5.79
CA TYR A 506 7.53 -16.77 -5.49
C TYR A 506 7.72 -16.85 -3.98
N PRO A 507 7.48 -18.02 -3.38
CA PRO A 507 7.69 -18.19 -1.95
C PRO A 507 9.10 -18.63 -1.57
N ASP A 508 9.95 -18.93 -2.54
CA ASP A 508 11.29 -19.41 -2.24
C ASP A 508 12.05 -18.35 -1.44
N PRO A 509 12.74 -18.73 -0.35
CA PRO A 509 13.40 -17.72 0.47
C PRO A 509 14.56 -17.02 -0.23
N MET A 510 15.29 -17.72 -1.10
CA MET A 510 16.42 -17.07 -1.79
C MET A 510 15.92 -16.02 -2.78
N VAL A 511 14.86 -16.33 -3.52
CA VAL A 511 14.29 -15.37 -4.46
C VAL A 511 13.81 -14.13 -3.71
N ARG A 512 13.11 -14.35 -2.60
CA ARG A 512 12.59 -13.21 -1.84
C ARG A 512 13.73 -12.40 -1.23
N GLY A 513 14.81 -13.06 -0.81
CA GLY A 513 15.98 -12.33 -0.34
C GLY A 513 16.61 -11.49 -1.43
N PHE A 514 16.70 -12.03 -2.65
CA PHE A 514 17.21 -11.25 -3.77
C PHE A 514 16.32 -10.04 -4.04
N ALA A 515 15.01 -10.23 -3.99
CA ALA A 515 14.09 -9.10 -4.21
C ALA A 515 14.25 -8.04 -3.13
N VAL A 516 14.36 -8.47 -1.87
CA VAL A 516 14.54 -7.51 -0.78
C VAL A 516 15.87 -6.79 -0.91
N ARG A 517 16.91 -7.47 -1.39
CA ARG A 517 18.17 -6.79 -1.64
C ARG A 517 18.03 -5.74 -2.73
N CYS A 518 17.35 -6.08 -3.82
CA CYS A 518 17.09 -5.10 -4.88
C CYS A 518 16.35 -3.89 -4.31
N LEU A 519 15.35 -4.12 -3.47
CA LEU A 519 14.61 -3.01 -2.87
C LEU A 519 15.53 -2.16 -1.99
N GLU A 520 16.33 -2.81 -1.14
CA GLU A 520 17.24 -2.08 -0.27
C GLU A 520 18.25 -1.27 -1.07
N LYS A 521 18.61 -1.74 -2.26
CA LYS A 521 19.67 -1.09 -3.03
C LYS A 521 19.16 -0.01 -3.98
N TYR A 522 17.93 -0.11 -4.46
CA TYR A 522 17.48 0.78 -5.54
C TYR A 522 16.12 1.42 -5.27
N LEU A 523 15.66 1.45 -4.02
CA LEU A 523 14.34 1.98 -3.70
C LEU A 523 14.49 3.23 -2.84
N THR A 524 14.16 4.38 -3.41
CA THR A 524 14.11 5.61 -2.64
C THR A 524 12.95 5.56 -1.65
N ASP A 525 13.11 6.26 -0.52
CA ASP A 525 12.03 6.30 0.46
C ASP A 525 10.77 6.93 -0.12
N ASP A 526 10.92 7.81 -1.12
CA ASP A 526 9.76 8.29 -1.85
C ASP A 526 9.04 7.13 -2.54
N LYS A 527 9.76 6.37 -3.34
CA LYS A 527 9.16 5.20 -3.99
C LYS A 527 8.72 4.17 -2.96
N LEU A 528 9.40 4.10 -1.81
CA LEU A 528 8.98 3.17 -0.76
C LEU A 528 7.60 3.55 -0.24
N SER A 529 7.40 4.83 0.11
CA SER A 529 6.07 5.29 0.51
C SER A 529 5.07 5.13 -0.62
N GLN A 530 5.52 5.22 -1.87
CA GLN A 530 4.60 5.07 -2.98
C GLN A 530 4.10 3.64 -3.13
N TYR A 531 4.86 2.65 -2.66
CA TYR A 531 4.47 1.26 -2.74
C TYR A 531 4.39 0.59 -1.37
N LEU A 532 4.29 1.37 -0.30
CA LEU A 532 4.32 0.80 1.04
C LEU A 532 3.17 -0.17 1.28
N ILE A 533 1.99 0.13 0.73
CA ILE A 533 0.83 -0.72 0.99
C ILE A 533 1.01 -2.09 0.36
N GLN A 534 1.53 -2.14 -0.88
CA GLN A 534 1.74 -3.43 -1.53
C GLN A 534 2.74 -4.28 -0.76
N LEU A 535 3.78 -3.65 -0.22
CA LEU A 535 4.78 -4.41 0.54
C LEU A 535 4.22 -4.90 1.86
N VAL A 536 3.47 -4.04 2.57
CA VAL A 536 2.83 -4.48 3.80
C VAL A 536 1.87 -5.63 3.52
N GLN A 537 1.26 -5.64 2.33
CA GLN A 537 0.39 -6.76 1.97
C GLN A 537 1.20 -8.03 1.73
N VAL A 538 2.19 -7.96 0.83
CA VAL A 538 3.00 -9.14 0.53
C VAL A 538 3.68 -9.67 1.78
N LEU A 539 3.79 -8.86 2.84
CA LEU A 539 4.23 -9.40 4.13
C LEU A 539 3.50 -10.69 4.47
N LYS A 540 2.19 -10.75 4.21
CA LYS A 540 1.40 -11.92 4.56
C LYS A 540 1.91 -13.17 3.87
N TYR A 541 2.55 -13.03 2.71
CA TYR A 541 3.10 -14.16 1.97
C TYR A 541 4.40 -14.69 2.54
N GLU A 542 4.85 -14.15 3.67
CA GLU A 542 6.11 -14.59 4.28
C GLU A 542 5.89 -15.90 5.03
N GLN A 543 6.79 -16.85 4.80
CA GLN A 543 6.64 -18.17 5.40
C GLN A 543 6.84 -18.14 6.91
N TYR A 544 7.64 -17.20 7.41
CA TYR A 544 7.96 -17.15 8.84
C TYR A 544 7.86 -15.71 9.33
N LEU A 545 7.63 -15.57 10.63
CA LEU A 545 7.55 -14.24 11.23
C LEU A 545 8.83 -13.45 10.97
N ASP A 546 9.98 -14.07 11.18
CA ASP A 546 11.27 -13.42 11.02
C ASP A 546 11.78 -13.67 9.61
N ASN A 547 11.87 -12.60 8.82
CA ASN A 547 12.37 -12.70 7.45
C ASN A 547 13.03 -11.37 7.08
N LEU A 548 13.60 -11.32 5.88
CA LEU A 548 14.35 -10.13 5.47
C LEU A 548 13.40 -8.99 5.08
N LEU A 549 12.26 -9.32 4.47
CA LEU A 549 11.32 -8.29 4.05
C LEU A 549 10.80 -7.49 5.24
N VAL A 550 10.35 -8.20 6.28
CA VAL A 550 9.81 -7.52 7.45
C VAL A 550 10.89 -6.69 8.14
N ARG A 551 12.12 -7.21 8.18
CA ARG A 551 13.20 -6.45 8.81
C ARG A 551 13.52 -5.19 8.02
N PHE A 552 13.53 -5.27 6.69
CA PHE A 552 13.74 -4.08 5.87
C PHE A 552 12.65 -3.05 6.12
N LEU A 553 11.39 -3.48 6.05
CA LEU A 553 10.28 -2.56 6.27
C LEU A 553 10.36 -1.93 7.66
N LEU A 554 10.68 -2.74 8.68
CA LEU A 554 10.71 -2.21 10.04
C LEU A 554 11.87 -1.23 10.23
N LYS A 555 13.02 -1.52 9.64
CA LYS A 555 14.13 -0.57 9.72
C LYS A 555 13.76 0.75 9.06
N LYS A 556 13.16 0.69 7.87
CA LYS A 556 12.79 1.93 7.20
C LYS A 556 11.72 2.68 7.98
N ALA A 557 10.81 1.95 8.63
CA ALA A 557 9.75 2.62 9.40
C ALA A 557 10.29 3.21 10.69
N LEU A 558 11.34 2.62 11.26
CA LEU A 558 11.96 3.13 12.47
C LEU A 558 13.06 4.16 12.19
N THR A 559 13.41 4.37 10.92
CA THR A 559 14.33 5.43 10.54
C THR A 559 13.66 6.57 9.79
N ASN A 560 12.38 6.45 9.46
CA ASN A 560 11.65 7.47 8.72
C ASN A 560 10.22 7.50 9.23
N GLN A 561 9.88 8.54 9.99
CA GLN A 561 8.55 8.59 10.60
C GLN A 561 7.45 8.76 9.58
N ARG A 562 7.74 9.39 8.43
CA ARG A 562 6.73 9.46 7.37
C ARG A 562 6.34 8.06 6.91
N ILE A 563 7.33 7.18 6.73
CA ILE A 563 7.04 5.81 6.36
C ILE A 563 6.44 5.04 7.53
N GLY A 564 6.96 5.29 8.73
CA GLY A 564 6.47 4.56 9.91
C GLY A 564 5.02 4.84 10.22
N HIS A 565 4.56 6.05 9.94
CA HIS A 565 3.15 6.40 10.16
C HIS A 565 2.24 5.45 9.40
N PHE A 566 2.38 5.42 8.08
CA PHE A 566 1.53 4.56 7.27
C PHE A 566 1.86 3.08 7.45
N PHE A 567 3.09 2.75 7.85
CA PHE A 567 3.39 1.37 8.25
C PHE A 567 2.51 0.95 9.42
N PHE A 568 2.55 1.73 10.50
CA PHE A 568 1.73 1.43 11.67
C PHE A 568 0.25 1.40 11.31
N TRP A 569 -0.20 2.32 10.46
CA TRP A 569 -1.64 2.39 10.19
C TRP A 569 -2.10 1.25 9.27
N HIS A 570 -1.31 0.92 8.23
CA HIS A 570 -1.63 -0.24 7.42
C HIS A 570 -1.64 -1.51 8.24
N LEU A 571 -0.78 -1.60 9.26
CA LEU A 571 -0.79 -2.78 10.12
C LEU A 571 -2.01 -2.80 11.02
N LYS A 572 -2.28 -1.68 11.71
CA LYS A 572 -3.39 -1.63 12.66
C LYS A 572 -4.73 -1.79 11.95
N SER A 573 -4.84 -1.34 10.70
CA SER A 573 -6.10 -1.43 9.98
C SER A 573 -6.52 -2.86 9.69
N GLU A 574 -5.66 -3.85 9.98
CA GLU A 574 -5.99 -5.24 9.76
C GLU A 574 -5.84 -6.09 11.02
N MET A 575 -5.64 -5.45 12.18
CA MET A 575 -5.59 -6.21 13.43
C MET A 575 -6.89 -6.95 13.71
N HIS A 576 -8.00 -6.55 13.07
CA HIS A 576 -9.25 -7.25 13.22
C HIS A 576 -9.24 -8.61 12.55
N ASN A 577 -8.31 -8.83 11.62
CA ASN A 577 -8.23 -10.09 10.87
C ASN A 577 -7.38 -11.08 11.65
N LYS A 578 -8.03 -12.05 12.28
CA LYS A 578 -7.31 -13.05 13.07
C LYS A 578 -6.36 -13.89 12.23
N THR A 579 -6.44 -13.81 10.90
CA THR A 579 -5.51 -14.54 10.06
C THR A 579 -4.10 -13.98 10.16
N VAL A 580 -3.96 -12.67 10.40
CA VAL A 580 -2.64 -12.06 10.52
C VAL A 580 -2.55 -11.26 11.80
N SER A 581 -3.50 -11.48 12.71
CA SER A 581 -3.47 -10.79 13.99
C SER A 581 -2.14 -11.00 14.70
N GLN A 582 -1.64 -12.24 14.70
CA GLN A 582 -0.41 -12.54 15.42
C GLN A 582 0.78 -11.84 14.80
N ARG A 583 0.97 -12.01 13.49
CA ARG A 583 2.11 -11.41 12.80
C ARG A 583 2.13 -9.90 12.95
N PHE A 584 1.03 -9.24 12.54
CA PHE A 584 0.98 -7.79 12.60
C PHE A 584 1.01 -7.29 14.04
N GLY A 585 0.46 -8.07 14.98
CA GLY A 585 0.52 -7.67 16.38
C GLY A 585 1.94 -7.64 16.91
N LEU A 586 2.71 -8.68 16.61
CA LEU A 586 4.11 -8.71 17.03
C LEU A 586 4.91 -7.60 16.35
N LEU A 587 4.67 -7.39 15.05
CA LEU A 587 5.38 -6.34 14.34
C LEU A 587 5.06 -4.97 14.93
N LEU A 588 3.79 -4.71 15.23
CA LEU A 588 3.40 -3.45 15.86
C LEU A 588 4.00 -3.33 17.24
N GLU A 589 4.10 -4.43 17.98
CA GLU A 589 4.75 -4.39 19.28
C GLU A 589 6.19 -3.89 19.14
N SER A 590 6.96 -4.51 18.25
CA SER A 590 8.34 -4.07 18.04
C SER A 590 8.40 -2.61 17.62
N TYR A 591 7.55 -2.22 16.67
CA TYR A 591 7.56 -0.85 16.16
C TYR A 591 7.29 0.15 17.28
N CYS A 592 6.16 -0.01 17.96
CA CYS A 592 5.81 0.90 19.05
C CYS A 592 6.88 0.89 20.13
N ARG A 593 7.57 -0.23 20.32
CA ARG A 593 8.63 -0.26 21.31
C ARG A 593 9.83 0.56 20.87
N ALA A 594 10.09 0.65 19.57
CA ALA A 594 11.23 1.39 19.06
C ALA A 594 10.87 2.67 18.32
N CYS A 595 9.59 3.03 18.23
CA CYS A 595 9.20 4.16 17.39
C CYS A 595 9.55 5.50 18.04
N GLY A 596 9.58 5.54 19.37
CA GLY A 596 9.93 6.77 20.08
C GLY A 596 8.73 7.52 20.63
N MET A 597 8.86 8.85 20.74
CA MET A 597 7.79 9.66 21.32
C MET A 597 6.55 9.68 20.46
N TYR A 598 6.67 9.39 19.16
CA TYR A 598 5.52 9.43 18.27
C TYR A 598 4.43 8.45 18.70
N LEU A 599 4.75 7.51 19.58
CA LEU A 599 3.73 6.60 20.09
C LEU A 599 2.61 7.36 20.79
N LYS A 600 2.95 8.48 21.46
CA LYS A 600 1.93 9.28 22.13
C LYS A 600 0.94 9.85 21.11
N HIS A 601 1.45 10.42 20.02
CA HIS A 601 0.58 10.97 19.00
C HIS A 601 -0.23 9.88 18.32
N LEU A 602 0.38 8.72 18.09
CA LEU A 602 -0.37 7.60 17.52
C LEU A 602 -1.49 7.16 18.46
N ASN A 603 -1.23 7.16 19.77
CA ASN A 603 -2.27 6.82 20.73
C ASN A 603 -3.39 7.85 20.72
N ARG A 604 -3.05 9.13 20.61
CA ARG A 604 -4.08 10.15 20.53
C ARG A 604 -4.93 9.96 19.28
N GLN A 605 -4.30 9.65 18.15
CA GLN A 605 -5.05 9.39 16.93
C GLN A 605 -5.93 8.15 17.07
N VAL A 606 -5.42 7.12 17.75
CA VAL A 606 -6.19 5.90 17.96
C VAL A 606 -7.40 6.19 18.82
N GLU A 607 -7.24 7.00 19.87
CA GLU A 607 -8.36 7.32 20.74
C GLU A 607 -9.38 8.19 20.00
N ALA A 608 -8.91 9.11 19.15
CA ALA A 608 -9.82 9.91 18.35
C ALA A 608 -10.64 9.04 17.42
N MET A 609 -9.99 8.14 16.68
CA MET A 609 -10.72 7.22 15.83
C MET A 609 -11.64 6.31 16.64
N GLU A 610 -11.25 5.97 17.87
CA GLU A 610 -12.10 5.17 18.74
C GLU A 610 -13.40 5.90 19.05
N LYS A 611 -13.28 7.16 19.49
CA LYS A 611 -14.47 7.95 19.77
C LYS A 611 -15.32 8.12 18.53
N LEU A 612 -14.69 8.36 17.37
CA LEU A 612 -15.45 8.52 16.13
C LEU A 612 -16.19 7.24 15.77
N ILE A 613 -15.55 6.09 15.95
CA ILE A 613 -16.20 4.82 15.66
C ILE A 613 -17.37 4.59 16.59
N ASN A 614 -17.18 4.91 17.88
CA ASN A 614 -18.29 4.79 18.83
C ASN A 614 -19.48 5.65 18.40
N LEU A 615 -19.21 6.92 18.08
CA LEU A 615 -20.30 7.83 17.71
C LEU A 615 -21.00 7.36 16.45
N THR A 616 -20.24 7.02 15.41
CA THR A 616 -20.85 6.60 14.15
C THR A 616 -21.56 5.26 14.28
N ASP A 617 -21.09 4.39 15.17
CA ASP A 617 -21.81 3.15 15.44
C ASP A 617 -23.14 3.43 16.11
N ILE A 618 -23.15 4.33 17.09
CA ILE A 618 -24.41 4.70 17.74
C ILE A 618 -25.38 5.27 16.72
N LEU A 619 -24.88 6.13 15.83
CA LEU A 619 -25.75 6.77 14.85
C LEU A 619 -26.41 5.75 13.92
N LYS A 620 -25.67 4.71 13.53
CA LYS A 620 -26.17 3.72 12.59
C LYS A 620 -27.14 2.72 13.20
N GLN A 621 -27.35 2.74 14.52
CA GLN A 621 -28.23 1.77 15.14
C GLN A 621 -29.27 2.41 16.06
N GLU A 622 -28.82 3.06 17.13
CA GLU A 622 -29.77 3.63 18.09
C GLU A 622 -30.64 4.70 17.45
N LYS A 623 -30.02 5.71 16.84
CA LYS A 623 -30.73 6.78 16.15
C LYS A 623 -30.76 6.58 14.65
N LYS A 624 -30.64 5.32 14.19
CA LYS A 624 -30.44 5.06 12.77
C LYS A 624 -31.60 5.58 11.92
N ASP A 625 -32.83 5.51 12.43
CA ASP A 625 -34.01 5.85 11.64
C ASP A 625 -34.65 7.16 12.06
N GLU A 626 -33.84 8.11 12.54
CA GLU A 626 -34.32 9.45 12.86
C GLU A 626 -34.05 10.40 11.70
N THR A 627 -34.59 11.61 11.84
CA THR A 627 -34.45 12.61 10.78
C THR A 627 -33.06 13.22 10.80
N GLN A 628 -32.75 13.97 9.74
CA GLN A 628 -31.44 14.62 9.64
C GLN A 628 -31.17 15.51 10.85
N LYS A 629 -32.16 16.32 11.23
CA LYS A 629 -31.95 17.28 12.30
C LYS A 629 -31.86 16.61 13.67
N VAL A 630 -32.57 15.50 13.86
CA VAL A 630 -32.48 14.79 15.15
C VAL A 630 -31.13 14.10 15.28
N GLN A 631 -30.69 13.42 14.22
CA GLN A 631 -29.34 12.84 14.23
C GLN A 631 -28.30 13.93 14.45
N MET A 632 -28.52 15.11 13.86
CA MET A 632 -27.57 16.21 14.03
C MET A 632 -27.57 16.71 15.47
N LYS A 633 -28.74 16.80 16.09
CA LYS A 633 -28.82 17.20 17.49
C LYS A 633 -28.07 16.21 18.39
N PHE A 634 -28.28 14.91 18.14
CA PHE A 634 -27.58 13.91 18.93
C PHE A 634 -26.08 13.97 18.68
N LEU A 635 -25.67 14.22 17.44
CA LEU A 635 -24.25 14.30 17.12
C LEU A 635 -23.61 15.51 17.78
N VAL A 636 -24.33 16.62 17.87
CA VAL A 636 -23.81 17.80 18.54
C VAL A 636 -23.73 17.56 20.05
N GLU A 637 -24.73 16.89 20.61
CA GLU A 637 -24.70 16.60 22.04
C GLU A 637 -23.53 15.69 22.40
N GLN A 638 -23.36 14.60 21.64
CA GLN A 638 -22.32 13.63 21.94
C GLN A 638 -20.93 14.14 21.54
N MET A 639 -20.84 15.02 20.54
CA MET A 639 -19.56 15.56 20.12
C MET A 639 -18.95 16.47 21.18
N ARG A 640 -19.78 17.03 22.06
CA ARG A 640 -19.26 17.74 23.22
C ARG A 640 -18.82 16.70 24.25
N ARG A 641 -19.45 16.71 25.43
CA ARG A 641 -19.12 15.73 26.45
C ARG A 641 -17.60 15.68 26.63
N PRO A 642 -17.01 16.62 27.38
CA PRO A 642 -15.55 16.81 27.38
C PRO A 642 -14.72 15.57 27.15
N ASP A 643 -15.15 14.41 27.65
CA ASP A 643 -14.42 13.17 27.41
C ASP A 643 -14.23 12.89 25.93
N PHE A 644 -15.09 13.46 25.08
CA PHE A 644 -15.01 13.31 23.63
C PHE A 644 -14.27 14.47 22.95
N MET A 645 -14.49 15.69 23.42
CA MET A 645 -13.79 16.84 22.86
C MET A 645 -12.29 16.73 23.08
N ASP A 646 -11.88 16.35 24.30
CA ASP A 646 -10.46 16.15 24.57
C ASP A 646 -9.87 15.08 23.65
N ALA A 647 -10.66 14.09 23.26
CA ALA A 647 -10.16 13.01 22.42
C ALA A 647 -10.03 13.42 20.97
N LEU A 648 -10.97 14.23 20.47
CA LEU A 648 -10.98 14.61 19.06
C LEU A 648 -10.44 16.01 18.80
N GLN A 649 -9.62 16.54 19.71
CA GLN A 649 -9.05 17.87 19.55
C GLN A 649 -7.56 17.85 19.85
N GLY A 650 -6.77 18.44 18.96
CA GLY A 650 -5.34 18.53 19.15
C GLY A 650 -4.59 17.24 18.89
N PHE A 651 -4.57 16.80 17.63
CA PHE A 651 -3.80 15.62 17.27
C PHE A 651 -3.47 15.68 15.78
N LEU A 652 -2.64 14.74 15.35
CA LEU A 652 -2.16 14.74 13.97
C LEU A 652 -3.14 14.01 13.07
N SER A 653 -3.26 14.51 11.84
CA SER A 653 -4.15 13.90 10.86
C SER A 653 -3.60 12.56 10.39
N PRO A 654 -4.29 11.44 10.64
CA PRO A 654 -3.82 10.16 10.09
C PRO A 654 -3.61 10.18 8.59
N LEU A 655 -4.38 11.00 7.86
CA LEU A 655 -4.17 11.12 6.42
C LEU A 655 -2.83 11.77 6.10
N ASN A 656 -2.37 12.68 6.95
CA ASN A 656 -1.10 13.37 6.77
C ASN A 656 -0.60 13.85 8.12
N PRO A 657 0.30 13.10 8.78
CA PRO A 657 0.72 13.48 10.14
C PRO A 657 1.32 14.87 10.22
N ALA A 658 1.77 15.45 9.10
CA ALA A 658 2.25 16.81 9.10
C ALA A 658 1.14 17.83 9.33
N HIS A 659 -0.12 17.39 9.34
CA HIS A 659 -1.26 18.27 9.54
C HIS A 659 -1.72 18.20 10.99
N GLN A 660 -1.68 19.34 11.67
CA GLN A 660 -2.23 19.42 13.02
C GLN A 660 -3.73 19.71 12.95
N LEU A 661 -4.48 19.08 13.85
CA LEU A 661 -5.92 19.29 13.96
C LEU A 661 -6.18 19.75 15.39
N GLY A 662 -6.48 21.04 15.55
CA GLY A 662 -6.70 21.61 16.86
C GLY A 662 -8.11 21.42 17.35
N ASN A 663 -8.81 22.53 17.59
CA ASN A 663 -10.17 22.47 18.12
C ASN A 663 -11.16 22.19 17.00
N LEU A 664 -12.18 21.39 17.32
CA LEU A 664 -13.24 21.11 16.38
C LEU A 664 -14.09 22.36 16.14
N ARG A 665 -14.38 22.62 14.87
CA ARG A 665 -15.38 23.63 14.50
C ARG A 665 -16.71 22.91 14.36
N LEU A 666 -17.37 22.69 15.51
CA LEU A 666 -18.61 21.92 15.51
C LEU A 666 -19.65 22.56 14.59
N GLU A 667 -19.65 23.88 14.46
CA GLU A 667 -20.58 24.54 13.56
C GLU A 667 -20.38 24.11 12.11
N GLU A 668 -19.21 23.55 11.78
CA GLU A 668 -18.90 23.12 10.42
C GLU A 668 -18.92 21.61 10.26
N CYS A 669 -19.11 20.86 11.34
CA CYS A 669 -19.26 19.42 11.27
C CYS A 669 -20.70 19.05 11.01
N ARG A 670 -20.91 17.93 10.32
CA ARG A 670 -22.25 17.53 9.94
C ARG A 670 -22.22 16.08 9.46
N ILE A 671 -23.40 15.46 9.49
CA ILE A 671 -23.56 14.14 8.87
C ILE A 671 -23.85 14.34 7.39
N MET A 672 -23.21 13.50 6.57
CA MET A 672 -23.20 13.71 5.12
C MET A 672 -24.46 13.22 4.42
N SER A 673 -25.44 12.70 5.14
CA SER A 673 -26.61 12.08 4.52
C SER A 673 -26.08 10.93 3.66
N SER A 674 -26.38 10.87 2.37
CA SER A 674 -25.81 9.89 1.44
C SER A 674 -26.03 8.49 2.03
N ALA A 675 -24.99 7.67 2.12
CA ALA A 675 -25.14 6.28 2.55
C ALA A 675 -24.23 5.99 3.74
N LYS A 676 -24.77 5.29 4.74
CA LYS A 676 -24.05 4.84 5.92
C LYS A 676 -23.63 6.00 6.84
N ARG A 677 -24.29 7.15 6.71
CA ARG A 677 -24.08 8.30 7.59
C ARG A 677 -22.59 8.60 7.76
N PRO A 678 -21.93 9.13 6.73
CA PRO A 678 -20.54 9.55 6.89
C PRO A 678 -20.44 10.87 7.63
N LEU A 679 -19.35 11.03 8.38
CA LEU A 679 -19.11 12.21 9.19
C LEU A 679 -18.21 13.18 8.44
N TRP A 680 -18.60 14.45 8.41
CA TRP A 680 -17.83 15.52 7.78
C TRP A 680 -17.30 16.41 8.90
N LEU A 681 -16.02 16.25 9.22
CA LEU A 681 -15.40 16.94 10.34
C LEU A 681 -14.50 18.06 9.86
N ASN A 682 -14.48 19.15 10.63
CA ASN A 682 -13.77 20.37 10.29
C ASN A 682 -12.97 20.81 11.50
N TRP A 683 -11.66 20.90 11.34
CA TRP A 683 -10.76 21.36 12.39
C TRP A 683 -10.11 22.68 11.97
N GLU A 684 -9.75 23.49 12.97
CA GLU A 684 -8.93 24.66 12.73
C GLU A 684 -7.47 24.23 12.61
N ASN A 685 -6.73 24.90 11.72
CA ASN A 685 -5.32 24.61 11.54
C ASN A 685 -4.53 25.45 12.54
N PRO A 686 -3.97 24.85 13.61
CA PRO A 686 -3.28 25.66 14.62
C PRO A 686 -1.90 26.14 14.18
N ASP A 687 -1.50 25.89 12.94
CA ASP A 687 -0.18 26.29 12.48
C ASP A 687 -0.02 27.81 12.60
N ILE A 688 1.18 28.24 12.98
CA ILE A 688 1.44 29.67 13.17
C ILE A 688 1.04 30.43 11.91
N MET A 689 1.32 29.88 10.74
CA MET A 689 0.96 30.52 9.48
C MET A 689 -0.06 29.67 8.73
N SER A 690 -1.15 29.30 9.42
CA SER A 690 -2.15 28.44 8.81
C SER A 690 -2.83 29.10 7.62
N GLU A 691 -2.92 30.44 7.62
CA GLU A 691 -3.63 31.13 6.54
C GLU A 691 -2.93 31.00 5.20
N LEU A 692 -1.62 30.78 5.19
CA LEU A 692 -0.88 30.65 3.93
C LEU A 692 -1.01 29.27 3.30
N LEU A 693 -1.76 28.36 3.92
CA LEU A 693 -1.96 27.03 3.35
C LEU A 693 -3.44 26.67 3.39
N PHE A 694 -3.98 26.49 4.59
CA PHE A 694 -5.41 26.37 4.81
C PHE A 694 -5.76 26.54 6.28
N GLN A 695 -6.62 27.52 6.60
CA GLN A 695 -6.95 27.78 7.99
C GLN A 695 -7.88 26.72 8.57
N ASN A 696 -8.48 25.88 7.73
CA ASN A 696 -9.38 24.82 8.18
C ASN A 696 -9.09 23.56 7.40
N ASN A 697 -8.99 22.44 8.12
CA ASN A 697 -8.76 21.13 7.52
C ASN A 697 -10.04 20.31 7.66
N GLU A 698 -10.52 19.76 6.54
CA GLU A 698 -11.76 19.01 6.51
C GLU A 698 -11.47 17.56 6.15
N ILE A 699 -12.17 16.65 6.80
CA ILE A 699 -11.96 15.22 6.63
C ILE A 699 -13.29 14.49 6.70
N ILE A 700 -13.44 13.44 5.90
CA ILE A 700 -14.64 12.61 5.91
C ILE A 700 -14.29 11.31 6.62
N PHE A 701 -14.85 11.12 7.81
CA PHE A 701 -14.70 9.86 8.55
C PHE A 701 -15.87 8.97 8.20
N LYS A 702 -15.60 7.85 7.53
CA LYS A 702 -16.65 6.93 7.10
C LYS A 702 -16.49 5.60 7.81
N ASN A 703 -17.54 5.17 8.50
CA ASN A 703 -17.62 3.88 9.17
C ASN A 703 -18.77 3.12 8.53
N GLY A 704 -18.45 2.24 7.57
CA GLY A 704 -19.49 1.49 6.88
C GLY A 704 -18.97 0.61 5.76
N ASP A 705 -18.46 1.22 4.70
CA ASP A 705 -18.00 0.49 3.53
C ASP A 705 -16.48 0.45 3.46
N ASP A 706 -15.98 -0.54 2.73
CA ASP A 706 -14.54 -0.76 2.64
C ASP A 706 -13.88 0.31 1.79
N LEU A 707 -12.70 0.76 2.24
CA LEU A 707 -11.96 1.81 1.56
C LEU A 707 -10.66 1.32 0.93
N ARG A 708 -10.31 0.04 1.10
CA ARG A 708 -9.08 -0.48 0.50
C ARG A 708 -9.08 -0.30 -1.01
N GLN A 709 -10.21 -0.60 -1.65
CA GLN A 709 -10.31 -0.37 -3.10
C GLN A 709 -10.03 1.09 -3.44
N ASP A 710 -10.56 2.01 -2.64
CA ASP A 710 -10.31 3.43 -2.88
C ASP A 710 -8.83 3.77 -2.70
N MET A 711 -8.19 3.21 -1.66
CA MET A 711 -6.77 3.46 -1.46
C MET A 711 -5.96 3.00 -2.66
N LEU A 712 -6.20 1.77 -3.12
CA LEU A 712 -5.46 1.24 -4.26
C LEU A 712 -5.72 2.07 -5.52
N THR A 713 -6.98 2.46 -5.74
CA THR A 713 -7.30 3.24 -6.93
C THR A 713 -6.62 4.59 -6.90
N LEU A 714 -6.61 5.25 -5.73
CA LEU A 714 -5.98 6.56 -5.64
C LEU A 714 -4.47 6.45 -5.79
N GLN A 715 -3.87 5.38 -5.25
CA GLN A 715 -2.45 5.14 -5.47
C GLN A 715 -2.15 5.00 -6.95
N ILE A 716 -2.95 4.20 -7.65
CA ILE A 716 -2.72 3.97 -9.08
C ILE A 716 -2.91 5.27 -9.86
N ILE A 717 -3.88 6.10 -9.45
CA ILE A 717 -4.11 7.37 -10.14
C ILE A 717 -2.92 8.29 -9.94
N ARG A 718 -2.39 8.35 -8.72
CA ARG A 718 -1.20 9.16 -8.47
C ARG A 718 -0.03 8.67 -9.31
N ILE A 719 0.13 7.35 -9.43
CA ILE A 719 1.22 6.80 -10.23
C ILE A 719 1.03 7.15 -11.70
N MET A 720 -0.21 7.11 -12.19
CA MET A 720 -0.48 7.48 -13.58
C MET A 720 -0.17 8.96 -13.82
N GLU A 721 -0.55 9.83 -12.87
CA GLU A 721 -0.22 11.24 -13.00
C GLU A 721 1.29 11.45 -13.01
N ASN A 722 2.01 10.72 -12.15
CA ASN A 722 3.47 10.83 -12.12
C ASN A 722 4.07 10.40 -13.45
N ILE A 723 3.56 9.30 -14.02
CA ILE A 723 4.04 8.83 -15.32
C ILE A 723 3.81 9.89 -16.38
N TRP A 724 2.60 10.44 -16.44
CA TRP A 724 2.28 11.44 -17.44
C TRP A 724 3.16 12.68 -17.29
N GLN A 725 3.36 13.13 -16.05
CA GLN A 725 4.19 14.31 -15.83
C GLN A 725 5.63 14.05 -16.26
N ASN A 726 6.24 12.97 -15.77
CA ASN A 726 7.61 12.66 -16.13
C ASN A 726 7.76 12.28 -17.60
N GLN A 727 6.66 12.07 -18.32
CA GLN A 727 6.74 11.80 -19.75
C GLN A 727 6.45 13.02 -20.62
N GLY A 728 5.81 14.04 -20.06
CA GLY A 728 5.67 15.30 -20.77
C GLY A 728 4.29 15.67 -21.24
N LEU A 729 3.25 15.20 -20.56
CA LEU A 729 1.87 15.60 -20.85
C LEU A 729 1.19 15.96 -19.54
N ASP A 730 0.75 17.21 -19.43
CA ASP A 730 0.23 17.75 -18.17
C ASP A 730 -1.26 17.44 -18.07
N LEU A 731 -1.58 16.28 -17.50
CA LEU A 731 -2.95 15.86 -17.25
C LEU A 731 -3.15 15.85 -15.74
N ARG A 732 -3.51 17.00 -15.19
CA ARG A 732 -3.61 17.17 -13.75
C ARG A 732 -4.68 16.27 -13.14
N MET A 733 -4.26 15.18 -12.50
CA MET A 733 -5.17 14.32 -11.78
C MET A 733 -5.33 14.83 -10.36
N LEU A 734 -6.03 14.08 -9.52
CA LEU A 734 -6.26 14.47 -8.12
C LEU A 734 -6.37 13.22 -7.26
N PRO A 735 -5.24 12.68 -6.82
CA PRO A 735 -5.25 11.52 -5.90
C PRO A 735 -5.29 11.98 -4.44
N TYR A 736 -6.48 12.38 -4.00
CA TYR A 736 -6.66 12.89 -2.64
C TYR A 736 -6.37 11.80 -1.62
N GLY A 737 -6.17 12.22 -0.38
CA GLY A 737 -5.85 11.29 0.68
C GLY A 737 -7.00 10.36 1.00
N CYS A 738 -6.64 9.13 1.37
CA CYS A 738 -7.64 8.12 1.76
C CYS A 738 -6.90 7.02 2.50
N LEU A 739 -7.28 6.79 3.76
CA LEU A 739 -6.57 5.85 4.63
C LEU A 739 -7.60 4.98 5.35
N SER A 740 -7.56 3.68 5.07
CA SER A 740 -8.34 2.72 5.84
C SER A 740 -7.66 2.49 7.19
N ILE A 741 -8.38 2.77 8.28
CA ILE A 741 -7.82 2.64 9.63
C ILE A 741 -8.36 1.43 10.37
N GLY A 742 -9.37 0.76 9.85
CA GLY A 742 -9.85 -0.44 10.50
C GLY A 742 -10.70 -1.28 9.57
N ASP A 743 -11.51 -2.15 10.17
CA ASP A 743 -12.43 -2.97 9.41
C ASP A 743 -13.55 -2.11 8.83
N CYS A 744 -13.38 -1.65 7.59
CA CYS A 744 -14.34 -0.81 6.90
C CYS A 744 -14.50 0.57 7.53
N VAL A 745 -13.51 1.01 8.30
CA VAL A 745 -13.51 2.32 8.93
C VAL A 745 -12.32 3.09 8.39
N GLY A 746 -12.56 4.28 7.83
CA GLY A 746 -11.47 5.02 7.22
C GLY A 746 -11.74 6.51 7.13
N LEU A 747 -10.75 7.21 6.59
CA LEU A 747 -10.78 8.65 6.42
C LEU A 747 -10.58 9.01 4.96
N ILE A 748 -11.09 10.18 4.58
CA ILE A 748 -11.04 10.68 3.20
C ILE A 748 -10.73 12.17 3.24
N GLU A 749 -9.83 12.60 2.35
CA GLU A 749 -9.46 14.00 2.26
C GLU A 749 -10.54 14.80 1.54
N VAL A 750 -10.83 15.98 2.07
CA VAL A 750 -11.83 16.88 1.51
C VAL A 750 -11.11 17.90 0.64
N VAL A 751 -11.36 17.84 -0.67
CA VAL A 751 -10.78 18.80 -1.61
C VAL A 751 -11.59 20.09 -1.53
N ARG A 752 -10.95 21.17 -1.09
CA ARG A 752 -11.65 22.44 -0.93
C ARG A 752 -12.10 22.98 -2.28
N ASN A 753 -13.24 23.65 -2.28
CA ASN A 753 -13.79 24.30 -3.47
C ASN A 753 -14.05 23.27 -4.58
N SER A 754 -14.78 22.22 -4.22
CA SER A 754 -15.11 21.15 -5.16
C SER A 754 -16.58 20.79 -5.01
N HIS A 755 -17.23 20.53 -6.14
CA HIS A 755 -18.66 20.25 -6.16
C HIS A 755 -18.95 19.19 -7.22
N THR A 756 -20.02 18.43 -6.99
CA THR A 756 -20.41 17.39 -7.92
C THR A 756 -21.17 17.96 -9.11
N ILE A 757 -21.06 17.27 -10.24
CA ILE A 757 -21.80 17.69 -11.44
C ILE A 757 -23.29 17.76 -11.13
N MET A 758 -23.79 16.83 -10.33
CA MET A 758 -25.19 16.88 -9.93
C MET A 758 -25.49 18.15 -9.15
N GLN A 759 -24.55 18.58 -8.30
CA GLN A 759 -24.70 19.88 -7.65
C GLN A 759 -24.75 21.00 -8.67
N ILE A 760 -23.89 20.96 -9.69
CA ILE A 760 -23.86 22.02 -10.68
C ILE A 760 -25.19 22.10 -11.42
N GLN A 761 -25.83 20.95 -11.64
CA GLN A 761 -27.08 20.92 -12.39
C GLN A 761 -28.28 21.28 -11.51
N CYS A 762 -28.27 20.85 -10.25
CA CYS A 762 -29.36 21.16 -9.33
C CYS A 762 -29.35 22.61 -8.86
N LYS A 763 -28.17 23.20 -8.69
CA LYS A 763 -28.08 24.61 -8.33
C LYS A 763 -28.43 25.50 -9.52
N GLY A 764 -28.12 25.06 -10.73
CA GLY A 764 -28.44 25.78 -11.94
C GLY A 764 -29.75 25.36 -12.57
N GLY A 765 -30.51 24.52 -11.87
CA GLY A 765 -31.82 24.13 -12.39
C GLY A 765 -32.68 25.34 -12.66
N LEU A 766 -33.40 25.30 -13.78
CA LEU A 766 -34.15 26.47 -14.23
C LEU A 766 -35.12 26.94 -13.15
N LYS A 767 -35.57 26.03 -12.29
CA LYS A 767 -36.52 26.36 -11.23
C LYS A 767 -36.59 25.18 -10.28
N GLY A 768 -37.41 25.35 -9.23
CA GLY A 768 -37.60 24.27 -8.29
C GLY A 768 -38.30 23.08 -8.91
N ALA A 769 -39.18 23.32 -9.89
CA ALA A 769 -39.90 22.26 -10.60
C ALA A 769 -39.57 22.38 -12.09
N LEU A 770 -38.46 21.78 -12.49
CA LEU A 770 -38.01 21.87 -13.88
C LEU A 770 -36.99 20.78 -14.13
N GLN A 771 -36.62 20.64 -15.41
CA GLN A 771 -35.60 19.68 -15.81
C GLN A 771 -34.21 20.21 -15.48
N PHE A 772 -33.24 19.29 -15.48
CA PHE A 772 -31.85 19.61 -15.17
C PHE A 772 -31.02 19.28 -16.40
N ASN A 773 -30.91 20.23 -17.32
CA ASN A 773 -30.12 20.05 -18.52
C ASN A 773 -28.64 20.04 -18.18
N SER A 774 -27.86 19.41 -19.06
CA SER A 774 -26.43 19.25 -18.88
C SER A 774 -25.61 20.33 -19.57
N HIS A 775 -26.28 21.30 -20.23
CA HIS A 775 -25.59 22.34 -20.96
C HIS A 775 -25.05 23.44 -20.05
N THR A 776 -25.54 23.54 -18.82
CA THR A 776 -25.24 24.69 -17.99
C THR A 776 -23.81 24.66 -17.44
N LEU A 777 -23.24 23.47 -17.22
CA LEU A 777 -21.93 23.32 -16.63
C LEU A 777 -20.93 24.33 -17.19
N HIS A 778 -20.95 24.51 -18.52
CA HIS A 778 -20.08 25.51 -19.14
C HIS A 778 -20.42 26.91 -18.64
N GLN A 779 -21.71 27.20 -18.48
CA GLN A 779 -22.12 28.50 -17.95
C GLN A 779 -21.65 28.70 -16.52
N TRP A 780 -21.77 27.67 -15.69
CA TRP A 780 -21.30 27.75 -14.31
C TRP A 780 -19.79 28.02 -14.27
N LEU A 781 -19.02 27.30 -15.09
CA LEU A 781 -17.59 27.52 -15.14
C LEU A 781 -17.27 28.93 -15.61
N LYS A 782 -17.94 29.40 -16.66
CA LYS A 782 -17.69 30.75 -17.17
C LYS A 782 -18.01 31.79 -16.10
N ASP A 783 -19.05 31.57 -15.30
CA ASP A 783 -19.37 32.48 -14.23
C ASP A 783 -18.28 32.46 -13.15
N LYS A 784 -17.81 31.27 -12.79
CA LYS A 784 -16.76 31.16 -11.79
C LYS A 784 -15.39 31.52 -12.34
N ASN A 785 -15.25 31.66 -13.65
CA ASN A 785 -13.97 32.03 -14.27
C ASN A 785 -14.27 33.00 -15.41
N LYS A 786 -14.16 34.29 -15.13
CA LYS A 786 -14.39 35.33 -16.11
C LYS A 786 -13.08 36.03 -16.45
N GLY A 787 -12.98 36.49 -17.70
CA GLY A 787 -11.78 37.16 -18.17
C GLY A 787 -10.75 36.21 -18.73
N GLU A 788 -9.47 36.50 -18.51
CA GLU A 788 -8.41 35.64 -19.01
C GLU A 788 -8.38 34.29 -18.32
N ILE A 789 -9.06 34.15 -17.17
CA ILE A 789 -9.11 32.88 -16.47
C ILE A 789 -9.96 31.84 -17.19
N TYR A 790 -10.77 32.26 -18.16
CA TYR A 790 -11.69 31.34 -18.82
C TYR A 790 -10.94 30.26 -19.59
N ASP A 791 -9.99 30.66 -20.44
CA ASP A 791 -9.24 29.69 -21.22
C ASP A 791 -8.44 28.75 -20.33
N ALA A 792 -7.88 29.29 -19.24
CA ALA A 792 -7.14 28.45 -18.30
C ALA A 792 -8.05 27.40 -17.66
N ALA A 793 -9.23 27.83 -17.20
CA ALA A 793 -10.16 26.89 -16.60
C ALA A 793 -10.61 25.83 -17.60
N ILE A 794 -10.84 26.24 -18.85
CA ILE A 794 -11.27 25.28 -19.87
C ILE A 794 -10.16 24.28 -20.16
N ASP A 795 -8.90 24.75 -20.25
CA ASP A 795 -7.78 23.83 -20.47
C ASP A 795 -7.64 22.85 -19.32
N LEU A 796 -7.74 23.35 -18.08
CA LEU A 796 -7.66 22.46 -16.93
C LEU A 796 -8.75 21.40 -16.97
N PHE A 797 -9.99 21.82 -17.24
CA PHE A 797 -11.09 20.88 -17.33
C PHE A 797 -10.81 19.83 -18.40
N THR A 798 -10.41 20.26 -19.60
CA THR A 798 -10.18 19.32 -20.68
C THR A 798 -9.10 18.31 -20.32
N ARG A 799 -7.97 18.78 -19.79
CA ARG A 799 -6.86 17.88 -19.51
C ARG A 799 -7.21 16.90 -18.41
N SER A 800 -7.72 17.40 -17.27
CA SER A 800 -8.11 16.50 -16.20
C SER A 800 -9.18 15.52 -16.65
N CYS A 801 -10.10 15.98 -17.49
CA CYS A 801 -11.17 15.12 -17.98
C CYS A 801 -10.59 13.98 -18.83
N ALA A 802 -9.70 14.31 -19.77
CA ALA A 802 -9.09 13.26 -20.59
C ALA A 802 -8.31 12.27 -19.73
N GLY A 803 -7.55 12.78 -18.75
CA GLY A 803 -6.83 11.90 -17.86
C GLY A 803 -7.75 10.92 -17.16
N TYR A 804 -8.83 11.44 -16.57
CA TYR A 804 -9.75 10.55 -15.86
C TYR A 804 -10.50 9.63 -16.81
N CYS A 805 -10.77 10.08 -18.05
CA CYS A 805 -11.32 9.19 -19.06
C CYS A 805 -10.44 7.96 -19.21
N VAL A 806 -9.16 8.19 -19.52
CA VAL A 806 -8.25 7.07 -19.75
C VAL A 806 -8.13 6.21 -18.50
N ALA A 807 -8.04 6.84 -17.33
CA ALA A 807 -7.91 6.08 -16.09
C ALA A 807 -9.12 5.16 -15.88
N THR A 808 -10.32 5.72 -15.97
CA THR A 808 -11.53 4.94 -15.71
C THR A 808 -11.70 3.83 -16.74
N PHE A 809 -11.34 4.09 -18.00
CA PHE A 809 -11.43 3.04 -18.99
C PHE A 809 -10.45 1.91 -18.69
N ILE A 810 -9.20 2.25 -18.38
CA ILE A 810 -8.19 1.23 -18.16
C ILE A 810 -8.54 0.39 -16.93
N LEU A 811 -8.92 1.05 -15.83
CA LEU A 811 -9.15 0.34 -14.58
C LEU A 811 -10.54 -0.27 -14.48
N GLY A 812 -11.46 0.08 -15.39
CA GLY A 812 -12.81 -0.44 -15.32
C GLY A 812 -13.53 -0.02 -14.06
N ILE A 813 -13.53 1.28 -13.77
CA ILE A 813 -14.18 1.78 -12.56
C ILE A 813 -15.69 1.64 -12.67
N GLY A 814 -16.34 1.58 -11.50
CA GLY A 814 -17.77 1.38 -11.42
C GLY A 814 -18.60 2.43 -12.13
N ASP A 815 -19.91 2.41 -11.89
CA ASP A 815 -20.83 3.28 -12.60
C ASP A 815 -20.56 4.75 -12.25
N ARG A 816 -20.21 5.52 -13.28
CA ARG A 816 -20.09 6.96 -13.13
C ARG A 816 -21.45 7.62 -13.36
N HIS A 817 -21.64 8.79 -12.74
CA HIS A 817 -22.88 9.54 -12.92
C HIS A 817 -22.65 10.97 -12.45
N ASN A 818 -23.73 11.75 -12.39
CA ASN A 818 -23.60 13.18 -12.16
C ASN A 818 -23.05 13.50 -10.77
N SER A 819 -23.06 12.54 -9.85
CA SER A 819 -22.57 12.77 -8.50
C SER A 819 -21.30 11.99 -8.18
N ASN A 820 -20.85 11.10 -9.07
CA ASN A 820 -19.55 10.47 -8.90
C ASN A 820 -18.40 11.37 -9.37
N ILE A 821 -18.69 12.35 -10.21
CA ILE A 821 -17.69 13.24 -10.77
C ILE A 821 -17.76 14.57 -10.03
N MET A 822 -16.63 15.28 -9.97
CA MET A 822 -16.57 16.55 -9.27
C MET A 822 -15.65 17.49 -10.04
N VAL A 823 -15.89 18.79 -9.84
CA VAL A 823 -15.10 19.84 -10.47
C VAL A 823 -14.84 20.93 -9.44
N LYS A 824 -13.73 21.63 -9.61
CA LYS A 824 -13.34 22.72 -8.73
C LYS A 824 -13.63 24.07 -9.39
N ASP A 825 -13.51 25.13 -8.60
CA ASP A 825 -13.80 26.48 -9.09
C ASP A 825 -12.83 26.92 -10.18
N ASP A 826 -11.71 26.22 -10.38
CA ASP A 826 -10.75 26.56 -11.42
C ASP A 826 -10.82 25.61 -12.61
N GLY A 827 -11.73 24.64 -12.60
CA GLY A 827 -11.97 23.78 -13.75
C GLY A 827 -11.49 22.35 -13.60
N GLN A 828 -10.73 22.04 -12.56
CA GLN A 828 -10.21 20.69 -12.43
C GLN A 828 -11.33 19.69 -12.17
N LEU A 829 -11.26 18.56 -12.86
CA LEU A 829 -12.24 17.49 -12.74
C LEU A 829 -11.59 16.25 -12.13
N PHE A 830 -12.34 15.54 -11.31
CA PHE A 830 -11.84 14.33 -10.66
C PHE A 830 -13.04 13.47 -10.27
N HIS A 831 -12.73 12.29 -9.70
CA HIS A 831 -13.74 11.31 -9.33
C HIS A 831 -13.63 10.98 -7.84
N ILE A 832 -14.66 10.33 -7.32
CA ILE A 832 -14.72 9.90 -5.94
C ILE A 832 -15.52 8.60 -5.84
N ASP A 833 -15.44 7.95 -4.70
CA ASP A 833 -16.21 6.74 -4.40
C ASP A 833 -16.05 5.69 -5.49
N PHE A 834 -14.93 4.97 -5.47
CA PHE A 834 -14.65 3.92 -6.45
C PHE A 834 -15.18 2.61 -5.90
N GLY A 835 -16.45 2.34 -6.19
CA GLY A 835 -17.11 1.15 -5.69
C GLY A 835 -16.45 -0.14 -6.11
N HIS A 836 -16.64 -0.52 -7.38
CA HIS A 836 -16.11 -1.76 -7.91
C HIS A 836 -15.33 -1.47 -9.18
N PHE A 837 -14.13 -2.05 -9.30
CA PHE A 837 -13.31 -1.92 -10.50
C PHE A 837 -13.05 -3.30 -11.08
N LEU A 838 -12.62 -3.31 -12.35
CA LEU A 838 -12.33 -4.53 -13.09
C LEU A 838 -13.58 -5.35 -13.40
N ASP A 839 -14.75 -4.71 -13.43
CA ASP A 839 -15.99 -5.41 -13.73
C ASP A 839 -17.12 -4.43 -13.99
N PRO A 853 -15.98 3.88 -21.97
CA PRO A 853 -17.35 4.27 -21.64
C PRO A 853 -17.42 5.31 -20.54
N PHE A 854 -16.88 6.50 -20.80
CA PHE A 854 -16.92 7.61 -19.86
C PHE A 854 -18.09 8.54 -20.13
N VAL A 855 -19.08 8.08 -20.90
CA VAL A 855 -20.32 8.80 -21.20
C VAL A 855 -20.03 10.17 -21.85
N LEU A 856 -19.12 10.94 -21.26
CA LEU A 856 -18.79 12.27 -21.75
C LEU A 856 -20.05 13.08 -22.02
N THR A 857 -20.88 13.21 -20.99
CA THR A 857 -22.11 13.97 -21.09
C THR A 857 -21.86 15.25 -21.87
N GLN A 858 -22.84 15.65 -22.68
CA GLN A 858 -22.66 16.80 -23.56
C GLN A 858 -22.20 18.02 -22.78
N ASP A 859 -22.29 17.98 -21.45
CA ASP A 859 -21.66 19.00 -20.63
C ASP A 859 -20.16 19.02 -20.89
N PHE A 860 -19.50 17.86 -20.81
CA PHE A 860 -18.06 17.80 -21.01
C PHE A 860 -17.68 18.22 -22.42
N LEU A 861 -18.41 17.73 -23.42
CA LEU A 861 -18.10 18.08 -24.81
C LEU A 861 -18.30 19.57 -25.06
N ILE A 862 -19.31 20.18 -24.43
CA ILE A 862 -19.54 21.61 -24.59
C ILE A 862 -18.47 22.39 -23.85
N VAL A 863 -17.97 21.86 -22.74
CA VAL A 863 -16.91 22.55 -22.00
C VAL A 863 -15.61 22.52 -22.78
N ILE A 864 -15.36 21.41 -23.50
CA ILE A 864 -14.15 21.32 -24.30
C ILE A 864 -14.21 22.31 -25.46
N SER A 865 -15.40 22.65 -25.92
CA SER A 865 -15.56 23.63 -26.99
C SER A 865 -16.59 24.69 -26.61
N THR A 872 -17.83 18.79 -31.16
CA THR A 872 -17.45 17.49 -31.71
C THR A 872 -16.38 17.62 -32.78
N LYS A 873 -16.54 18.61 -33.66
CA LYS A 873 -15.62 18.86 -34.77
C LYS A 873 -14.91 20.20 -34.52
N THR A 874 -13.94 20.18 -33.61
CA THR A 874 -13.17 21.36 -33.29
C THR A 874 -11.74 20.95 -32.98
N ARG A 875 -10.80 21.88 -33.18
CA ARG A 875 -9.41 21.61 -32.84
C ARG A 875 -9.26 21.21 -31.38
N GLU A 876 -10.13 21.73 -30.51
CA GLU A 876 -10.09 21.36 -29.11
C GLU A 876 -10.30 19.86 -28.94
N PHE A 877 -11.30 19.30 -29.62
CA PHE A 877 -11.54 17.87 -29.54
C PHE A 877 -10.41 17.06 -30.17
N GLU A 878 -9.77 17.61 -31.21
CA GLU A 878 -8.63 16.93 -31.79
C GLU A 878 -7.49 16.80 -30.78
N ARG A 879 -7.15 17.92 -30.13
CA ARG A 879 -6.15 17.87 -29.06
C ARG A 879 -6.58 16.95 -27.93
N PHE A 880 -7.88 16.90 -27.64
CA PHE A 880 -8.38 16.02 -26.59
C PHE A 880 -8.14 14.55 -26.93
N GLN A 881 -8.50 14.16 -28.16
CA GLN A 881 -8.26 12.79 -28.59
C GLN A 881 -6.77 12.47 -28.60
N GLU A 882 -5.94 13.42 -29.03
CA GLU A 882 -4.50 13.20 -28.98
C GLU A 882 -4.02 12.96 -27.55
N MET A 883 -4.51 13.77 -26.61
CA MET A 883 -4.17 13.57 -25.20
C MET A 883 -4.55 12.17 -24.75
N CYS A 884 -5.79 11.76 -25.05
CA CYS A 884 -6.26 10.46 -24.61
C CYS A 884 -5.39 9.34 -25.18
N TYR A 885 -5.08 9.41 -26.47
CA TYR A 885 -4.26 8.37 -27.09
C TYR A 885 -2.86 8.32 -26.49
N LYS A 886 -2.25 9.50 -26.28
CA LYS A 886 -0.92 9.53 -25.70
C LYS A 886 -0.92 8.94 -24.30
N ALA A 887 -1.93 9.27 -23.49
CA ALA A 887 -2.00 8.72 -22.14
C ALA A 887 -2.22 7.21 -22.17
N TYR A 888 -3.06 6.73 -23.08
CA TYR A 888 -3.28 5.30 -23.20
C TYR A 888 -1.98 4.57 -23.52
N LEU A 889 -1.21 5.11 -24.47
CA LEU A 889 0.08 4.49 -24.79
C LEU A 889 1.03 4.53 -23.58
N ALA A 890 1.09 5.67 -22.90
CA ALA A 890 1.98 5.79 -21.74
C ALA A 890 1.65 4.75 -20.68
N ILE A 891 0.36 4.46 -20.48
CA ILE A 891 -0.02 3.49 -19.47
C ILE A 891 0.18 2.05 -19.96
N ARG A 892 -0.02 1.82 -21.26
CA ARG A 892 0.30 0.50 -21.81
C ARG A 892 1.79 0.21 -21.66
N GLN A 893 2.62 1.26 -21.61
CA GLN A 893 4.05 1.05 -21.43
C GLN A 893 4.42 0.59 -20.02
N HIS A 894 3.53 0.74 -19.04
CA HIS A 894 3.78 0.31 -17.66
C HIS A 894 2.76 -0.70 -17.18
N ALA A 895 1.93 -1.22 -18.09
CA ALA A 895 1.13 -2.40 -17.84
C ALA A 895 1.80 -3.40 -16.90
N ASN A 896 3.09 -3.63 -17.06
CA ASN A 896 3.79 -4.59 -16.19
C ASN A 896 3.74 -4.14 -14.73
N LEU A 897 4.13 -2.90 -14.46
CA LEU A 897 4.07 -2.38 -13.10
C LEU A 897 2.66 -2.48 -12.54
N PHE A 898 1.66 -2.12 -13.34
CA PHE A 898 0.29 -2.13 -12.83
C PHE A 898 -0.18 -3.55 -12.51
N ILE A 899 0.11 -4.50 -13.40
CA ILE A 899 -0.29 -5.90 -13.17
C ILE A 899 0.41 -6.44 -11.94
N ASN A 900 1.68 -6.07 -11.74
CA ASN A 900 2.39 -6.53 -10.55
C ASN A 900 1.77 -5.94 -9.28
N LEU A 901 1.38 -4.67 -9.32
CA LEU A 901 0.72 -4.06 -8.18
C LEU A 901 -0.55 -4.81 -7.83
N PHE A 902 -1.36 -5.16 -8.84
CA PHE A 902 -2.60 -5.88 -8.57
C PHE A 902 -2.31 -7.29 -8.06
N SER A 903 -1.33 -7.98 -8.64
CA SER A 903 -1.00 -9.33 -8.18
C SER A 903 -0.48 -9.30 -6.75
N MET A 904 0.13 -8.21 -6.32
CA MET A 904 0.56 -8.08 -4.95
C MET A 904 -0.61 -7.78 -4.03
N MET A 905 -1.54 -6.93 -4.47
CA MET A 905 -2.73 -6.65 -3.66
C MET A 905 -3.69 -7.83 -3.60
N LEU A 906 -3.52 -8.84 -4.46
CA LEU A 906 -4.36 -10.03 -4.38
C LEU A 906 -4.48 -10.56 -2.96
N GLY A 907 -3.44 -10.41 -2.15
CA GLY A 907 -3.47 -10.93 -0.79
C GLY A 907 -4.61 -10.37 0.03
N SER A 908 -4.84 -9.06 -0.07
CA SER A 908 -5.90 -8.42 0.69
C SER A 908 -7.26 -8.95 0.26
N GLY A 909 -8.11 -9.24 1.24
CA GLY A 909 -9.42 -9.81 0.97
C GLY A 909 -10.40 -8.82 0.38
N MET A 910 -10.00 -8.14 -0.70
CA MET A 910 -10.92 -7.22 -1.35
C MET A 910 -11.87 -7.97 -2.28
N PRO A 911 -13.12 -7.53 -2.39
CA PRO A 911 -14.11 -8.28 -3.19
C PRO A 911 -13.75 -8.34 -4.66
N GLU A 912 -13.53 -7.16 -5.26
CA GLU A 912 -13.42 -7.08 -6.70
C GLU A 912 -12.01 -7.48 -7.09
N LEU A 913 -11.33 -8.22 -6.21
CA LEU A 913 -9.99 -8.69 -6.57
C LEU A 913 -9.67 -9.97 -5.81
N GLN A 914 -10.14 -11.13 -6.31
CA GLN A 914 -9.93 -12.40 -5.62
C GLN A 914 -9.09 -13.41 -6.38
N SER A 915 -8.88 -13.23 -7.68
CA SER A 915 -8.08 -14.16 -8.48
C SER A 915 -7.47 -13.39 -9.65
N PHE A 916 -6.50 -14.02 -10.30
CA PHE A 916 -5.87 -13.44 -11.48
C PHE A 916 -6.86 -13.20 -12.61
N ASP A 917 -8.00 -13.90 -12.59
CA ASP A 917 -9.01 -13.67 -13.62
C ASP A 917 -9.53 -12.23 -13.56
N ASP A 918 -9.64 -11.67 -12.36
CA ASP A 918 -10.06 -10.28 -12.23
C ASP A 918 -9.00 -9.33 -12.80
N ILE A 919 -7.72 -9.65 -12.58
CA ILE A 919 -6.65 -8.80 -13.10
C ILE A 919 -6.58 -8.88 -14.61
N ALA A 920 -6.91 -10.05 -15.19
CA ALA A 920 -6.87 -10.20 -16.64
C ALA A 920 -7.67 -9.13 -17.36
N TYR A 921 -8.60 -8.46 -16.67
CA TYR A 921 -9.34 -7.38 -17.30
C TYR A 921 -8.40 -6.26 -17.76
N ILE A 922 -7.34 -5.99 -16.99
CA ILE A 922 -6.38 -4.97 -17.40
C ILE A 922 -5.57 -5.45 -18.60
N ARG A 923 -5.10 -6.70 -18.56
CA ARG A 923 -4.44 -7.26 -19.74
C ARG A 923 -5.33 -7.14 -20.97
N LYS A 924 -6.64 -7.17 -20.77
CA LYS A 924 -7.57 -6.97 -21.89
C LYS A 924 -7.58 -5.52 -22.34
N THR A 925 -7.91 -4.59 -21.43
CA THR A 925 -8.11 -3.21 -21.81
C THR A 925 -6.85 -2.54 -22.33
N LEU A 926 -5.67 -3.07 -22.00
CA LEU A 926 -4.41 -2.50 -22.48
C LEU A 926 -3.88 -3.21 -23.71
N ALA A 927 -4.55 -4.27 -24.17
CA ALA A 927 -4.14 -5.01 -25.37
C ALA A 927 -2.68 -5.42 -25.29
N LEU A 928 -2.37 -6.19 -24.24
CA LEU A 928 -0.98 -6.62 -24.04
C LEU A 928 -0.55 -7.62 -25.10
N ASP A 929 -1.45 -8.52 -25.50
CA ASP A 929 -1.13 -9.51 -26.53
C ASP A 929 -1.09 -8.94 -27.94
N LYS A 930 -1.58 -7.72 -28.13
CA LYS A 930 -1.58 -7.07 -29.44
C LYS A 930 -0.35 -6.17 -29.55
N THR A 931 -0.22 -5.50 -30.69
CA THR A 931 0.88 -4.60 -30.94
C THR A 931 0.49 -3.17 -30.53
N GLU A 932 1.43 -2.24 -30.70
CA GLU A 932 1.19 -0.86 -30.32
C GLU A 932 0.12 -0.23 -31.21
N GLN A 933 0.28 -0.33 -32.53
CA GLN A 933 -0.73 0.22 -33.44
C GLN A 933 -2.07 -0.47 -33.26
N GLU A 934 -2.05 -1.78 -33.02
CA GLU A 934 -3.30 -2.51 -32.78
C GLU A 934 -4.01 -1.96 -31.55
N ALA A 935 -3.26 -1.74 -30.46
CA ALA A 935 -3.88 -1.21 -29.25
C ALA A 935 -4.37 0.22 -29.46
N LEU A 936 -3.65 1.01 -30.26
CA LEU A 936 -4.09 2.36 -30.57
C LEU A 936 -5.43 2.34 -31.29
N GLU A 937 -5.54 1.52 -32.33
CA GLU A 937 -6.81 1.38 -33.05
C GLU A 937 -7.90 0.86 -32.13
N TYR A 938 -7.56 -0.07 -31.25
CA TYR A 938 -8.54 -0.61 -30.31
C TYR A 938 -9.10 0.48 -29.41
N PHE A 939 -8.22 1.32 -28.84
CA PHE A 939 -8.69 2.37 -27.97
C PHE A 939 -9.47 3.42 -28.74
N MET A 940 -9.04 3.74 -29.96
CA MET A 940 -9.79 4.68 -30.80
C MET A 940 -11.22 4.19 -30.99
N LYS A 941 -11.36 2.91 -31.37
CA LYS A 941 -12.70 2.34 -31.57
C LYS A 941 -13.50 2.33 -30.26
N GLN A 942 -12.84 1.97 -29.16
CA GLN A 942 -13.54 1.91 -27.87
C GLN A 942 -14.06 3.28 -27.46
N MET A 943 -13.30 4.34 -27.74
CA MET A 943 -13.75 5.68 -27.38
C MET A 943 -14.69 6.27 -28.43
N ASN A 944 -14.75 5.71 -29.64
CA ASN A 944 -15.76 6.14 -30.60
C ASN A 944 -17.16 5.80 -30.11
N ASP A 945 -17.34 4.62 -29.52
CA ASP A 945 -18.64 4.20 -29.03
C ASP A 945 -19.18 5.19 -28.00
C10 2IX B . -16.34 9.49 -1.03
N12 2IX B . -17.91 11.49 -1.09
C13 2IX B . -18.14 12.77 -1.14
C15 2IX B . -19.63 14.81 -1.13
C21 2IX B . -25.55 16.31 -1.27
C22 2IX B . -26.52 16.15 -3.57
C24 2IX B . -28.89 15.79 -2.89
C28 2IX B . -31.85 17.95 -6.09
C02 2IX B . -15.79 6.79 -0.99
C04 2IX B . -17.13 8.60 -0.26
C05 2IX B . -18.28 9.10 0.56
C09 2IX B . -15.24 8.92 -1.79
C11 2IX B . -16.62 11.03 -1.08
C16 2IX B . -21.01 15.26 -0.67
C18 2IX B . -23.01 15.72 -2.16
C19 2IX B . -24.16 15.23 -3.09
C23 2IX B . -27.84 16.86 -3.14
C25 2IX B . -30.32 16.40 -2.70
C27 2IX B . -31.67 16.98 -4.87
C29 2IX B . -30.88 18.11 -6.93
C31 2IX B . -29.66 18.43 -4.03
C32 2IX B . -28.22 17.87 -4.21
C35 2IX B . -21.98 13.37 -1.70
C36 2IX B . -20.59 12.82 -2.05
C38 2IX B . -15.87 13.16 -1.18
C40 2IX B . -14.68 15.36 -0.34
C41 2IX B . -14.22 16.60 -1.08
C43 2IX B . -13.10 15.31 -2.71
C44 2IX B . -13.50 14.01 -2.02
F06 2IX B . -18.65 8.15 1.51
F07 2IX B . -19.36 9.34 -0.24
N01 2IX B . -15.51 5.32 -0.96
N03 2IX B . -16.84 7.29 -0.25
N08 2IX B . -15.02 7.59 -1.74
N14 2IX B . -19.51 13.33 -1.13
N17 2IX B . -22.01 14.79 -1.53
N20 2IX B . -25.42 15.90 -2.64
N26 2IX B . -30.64 17.25 -3.92
N37 2IX B . -17.14 13.60 -1.18
N39 2IX B . -14.75 14.15 -1.23
N45 2IX B . -15.63 11.86 -1.13
O30 2IX B . -32.42 16.00 -4.71
O33 2IX B . -26.39 15.81 -4.71
O34 2IX B . -22.92 16.86 -1.92
O42 2IX B . -13.03 16.39 -1.81
H151 2IX B . -19.45 15.14 -2.03
H152 2IX B . -18.95 15.18 -0.53
H212 2IX B . -25.08 15.67 -0.70
H213 2IX B . -26.48 16.32 -1.02
H211 2IX B . -25.17 17.19 -1.15
H242 2IX B . -28.65 15.29 -2.09
H241 2IX B . -28.90 15.18 -3.65
H281 2IX B . -32.65 18.41 -6.21
H051 2IX B . -18.01 9.92 1.01
H091 2IX B . -14.69 9.46 -2.32
H161 2IX B . -21.17 14.93 0.22
H162 2IX B . -21.03 16.24 -0.66
H192 2IX B . -23.96 15.47 -4.00
H191 2IX B . -24.25 14.27 -3.03
H231 2IX B . -27.73 17.35 -2.30
H252 2IX B . -30.35 16.96 -1.91
H251 2IX B . -30.98 15.70 -2.62
H292 2IX B . -30.08 17.64 -6.80
H291 2IX B . -30.98 18.68 -7.65
H311 2IX B . -29.70 18.97 -3.22
H312 2IX B . -29.90 18.98 -4.80
H321 2IX B . -28.16 17.45 -5.08
H322 2IX B . -27.59 18.61 -4.17
H352 2IX B . -22.28 12.95 -0.88
H351 2IX B . -22.59 13.14 -2.41
H362 2IX B . -20.37 13.08 -2.95
H361 2IX B . -20.62 11.86 -1.98
H401 2IX B . -14.06 15.17 0.39
H402 2IX B . -15.56 15.52 0.03
H411 2IX B . -14.92 16.88 -1.69
H412 2IX B . -14.07 17.31 -0.43
H431 2IX B . -13.75 15.51 -3.40
H432 2IX B . -12.23 15.18 -3.12
H441 2IX B . -12.79 13.73 -1.43
H442 2IX B . -13.65 13.32 -2.70
H012 2IX B . -15.41 4.88 -1.70
H011 2IX B . -15.45 4.91 -0.21
#